data_5J14
#
_entry.id   5J14
#
_cell.length_a   192.521
_cell.length_b   49.053
_cell.length_c   120.135
_cell.angle_alpha   90.00
_cell.angle_beta   114.19
_cell.angle_gamma   90.00
#
_symmetry.space_group_name_H-M   'C 1 2 1'
#
loop_
_entity.id
_entity.type
_entity.pdbx_description
1 polymer 'Putative secreted endoglycosylceramidase'
2 branched 'N-acetyl-alpha-neuraminic acid-(2-3)-beta-D-galactopyranose-(1-4)-beta-D-glucopyranose'
3 branched beta-D-galactopyranose-(1-4)-beta-D-glucopyranose
4 non-polymer 'SODIUM ION'
5 non-polymer N-((E,2S,3R)-1,3-DIHYDROXYOCTADEC-4-EN-2-YL)STEARAMIDE
6 water water
#
_entity_poly.entity_id   1
_entity_poly.type   'polypeptide(L)'
_entity_poly.pdbx_seq_one_letter_code
;MGSSHHHHHHSSGLVPRGSHMASMTGGQQMGRGSAPPATPITTLQADGTHLVDGYGRTVLLHGVNNVDKDAPYLPAGETL
TPQDIDILVRHGFNTVRLGTSFDALMPQRGQIDEAYLDRLTGVVDALTARGMHVLLDNHQDGLSKAWGGNGFPEWAIESR
PREWEPNPGFPLYYLMPSLNAGWDEVWGNTHGALDHLGTALGALAERVEGKPGVMGIELLNEPWPGSRFLSCFPNGCPDF
DRTYQAAMQKLTDAVRAQNPTIPVYWEPNVTWNQMMPSNLFAPPVTPALTTADVVFAPHDYCIPSQLAIYLGLPQALRGL
CVPQQDLTWSNIDAITERANVPTVITSFGDGDPTVLKNTLARADERFIGWQYWHFGAGNATDPFLGEVGRQLVRTYPQAT
AGEPGRMIFDADNGDFAYRFTPRAATRPTEIFVSDLHYPDGYAVQVDGGQVTSAPGARIVTVVADGSGPVTVKINRPGSA
GAEVPDGPIETSSSGSSGSS
;
_entity_poly.pdbx_strand_id   A,B
#
loop_
_chem_comp.id
_chem_comp.type
_chem_comp.name
_chem_comp.formula
18C non-polymer N-((E,2S,3R)-1,3-DIHYDROXYOCTADEC-4-EN-2-YL)STEARAMIDE 'C36 H71 N O3'
BGC D-saccharide, beta linking beta-D-glucopyranose 'C6 H12 O6'
GAL D-saccharide, beta linking beta-D-galactopyranose 'C6 H12 O6'
NA non-polymer 'SODIUM ION' 'Na 1'
SIA D-saccharide, alpha linking 'N-acetyl-alpha-neuraminic acid' 'C11 H19 N O9'
#
# COMPACT_ATOMS: atom_id res chain seq x y z
N PRO A 37 33.21 -36.28 9.37
CA PRO A 37 32.19 -37.20 9.88
C PRO A 37 30.99 -36.41 10.43
N ALA A 38 29.96 -36.22 9.60
CA ALA A 38 28.87 -35.33 9.96
C ALA A 38 27.94 -35.97 11.02
N THR A 39 27.31 -35.13 11.82
CA THR A 39 26.39 -35.57 12.87
C THR A 39 25.10 -36.06 12.22
N PRO A 40 24.69 -37.30 12.53
CA PRO A 40 23.47 -37.78 11.87
C PRO A 40 22.24 -36.94 12.22
N ILE A 41 21.43 -36.68 11.22
CA ILE A 41 20.27 -35.82 11.40
C ILE A 41 19.20 -36.54 12.23
N THR A 42 18.50 -35.77 13.07
CA THR A 42 17.48 -36.32 13.96
C THR A 42 16.16 -35.57 13.80
N THR A 43 15.11 -36.17 14.34
CA THR A 43 13.86 -35.46 14.48
C THR A 43 14.01 -34.27 15.41
N LEU A 44 13.12 -33.30 15.24
CA LEU A 44 13.08 -32.16 16.12
C LEU A 44 11.80 -32.15 16.94
N GLN A 45 11.94 -31.79 18.21
CA GLN A 45 10.81 -31.79 19.12
C GLN A 45 10.66 -30.42 19.76
N ALA A 46 9.43 -29.91 19.75
CA ALA A 46 9.14 -28.61 20.31
C ALA A 46 9.08 -28.78 21.80
N ASP A 47 9.85 -27.96 22.52
CA ASP A 47 9.83 -27.91 23.99
C ASP A 47 9.67 -26.45 24.34
N GLY A 48 8.44 -26.08 24.69
CA GLY A 48 8.11 -24.65 24.75
C GLY A 48 8.43 -23.98 23.43
N THR A 49 9.21 -22.91 23.46
CA THR A 49 9.56 -22.19 22.24
C THR A 49 10.79 -22.75 21.50
N HIS A 50 11.39 -23.83 22.02
CA HIS A 50 12.63 -24.39 21.50
C HIS A 50 12.35 -25.58 20.59
N LEU A 51 13.09 -25.69 19.50
CA LEU A 51 13.19 -26.94 18.74
C LEU A 51 14.47 -27.66 19.20
N VAL A 52 14.28 -28.90 19.66
CA VAL A 52 15.33 -29.65 20.32
C VAL A 52 15.58 -30.91 19.53
N ASP A 53 16.86 -31.17 19.25
CA ASP A 53 17.23 -32.34 18.47
C ASP A 53 17.37 -33.59 19.34
N GLY A 54 17.74 -34.69 18.71
CA GLY A 54 17.78 -35.98 19.38
C GLY A 54 18.95 -36.10 20.34
N TYR A 55 19.86 -35.14 20.33
CA TYR A 55 21.01 -35.14 21.24
C TYR A 55 20.77 -34.18 22.41
N GLY A 56 19.55 -33.65 22.51
CA GLY A 56 19.18 -32.66 23.50
C GLY A 56 19.61 -31.22 23.23
N ARG A 57 20.05 -30.91 22.02
CA ARG A 57 20.54 -29.55 21.73
C ARG A 57 19.41 -28.68 21.17
N THR A 58 19.49 -27.39 21.41
CA THR A 58 18.57 -26.43 20.80
C THR A 58 19.03 -26.02 19.39
N VAL A 59 18.14 -26.17 18.40
CA VAL A 59 18.48 -25.99 16.98
C VAL A 59 18.06 -24.64 16.44
N LEU A 60 18.91 -24.05 15.61
CA LEU A 60 18.59 -22.86 14.86
C LEU A 60 18.64 -23.23 13.39
N LEU A 61 17.54 -23.06 12.69
CA LEU A 61 17.44 -23.42 11.28
C LEU A 61 17.48 -22.20 10.37
N HIS A 62 18.41 -22.20 9.41
CA HIS A 62 18.49 -21.20 8.39
C HIS A 62 18.53 -21.92 7.04
N GLY A 63 17.67 -21.53 6.12
CA GLY A 63 17.58 -22.22 4.86
C GLY A 63 16.75 -21.49 3.83
N VAL A 64 16.19 -22.28 2.91
CA VAL A 64 15.58 -21.76 1.72
C VAL A 64 14.29 -22.51 1.40
N ASN A 65 13.48 -21.82 0.61
CA ASN A 65 12.37 -22.45 -0.06
C ASN A 65 12.76 -23.04 -1.42
N ASN A 66 12.15 -24.17 -1.75
CA ASN A 66 12.17 -24.75 -3.10
C ASN A 66 10.81 -25.34 -3.39
N VAL A 67 10.07 -24.71 -4.31
CA VAL A 67 8.65 -24.98 -4.48
C VAL A 67 8.33 -25.11 -5.96
N ASP A 68 7.77 -26.26 -6.35
CA ASP A 68 7.27 -26.48 -7.73
C ASP A 68 5.73 -26.29 -7.78
N LYS A 69 5.30 -25.25 -8.49
CA LYS A 69 3.90 -24.83 -8.52
C LYS A 69 3.11 -25.29 -9.74
N ASP A 70 3.75 -25.96 -10.70
CA ASP A 70 3.06 -26.33 -11.95
C ASP A 70 3.25 -27.80 -12.31
N ALA A 71 2.16 -28.47 -12.69
CA ALA A 71 2.23 -29.85 -13.23
C ALA A 71 3.05 -29.87 -14.53
N PRO A 72 3.85 -30.91 -14.74
CA PRO A 72 4.08 -32.05 -13.85
C PRO A 72 4.96 -31.71 -12.64
N TYR A 73 4.63 -32.29 -11.49
CA TYR A 73 5.29 -31.92 -10.24
C TYR A 73 6.53 -32.78 -9.98
N LEU A 74 7.64 -32.11 -9.71
CA LEU A 74 8.92 -32.77 -9.46
C LEU A 74 9.29 -33.82 -10.51
N PRO A 75 9.27 -33.40 -11.77
CA PRO A 75 9.59 -34.39 -12.78
C PRO A 75 11.09 -34.64 -12.91
N ALA A 76 11.45 -35.79 -13.51
CA ALA A 76 12.83 -36.23 -13.52
C ALA A 76 13.69 -35.16 -14.12
N GLY A 77 14.79 -34.86 -13.44
CA GLY A 77 15.78 -33.97 -13.98
C GLY A 77 15.49 -32.50 -13.73
N GLU A 78 14.32 -32.17 -13.18
CA GLU A 78 14.02 -30.78 -12.84
C GLU A 78 13.95 -30.51 -11.33
N THR A 79 14.51 -31.41 -10.55
CA THR A 79 14.53 -31.22 -9.09
C THR A 79 15.93 -30.83 -8.66
N LEU A 80 16.07 -30.54 -7.38
CA LEU A 80 17.34 -30.11 -6.82
C LEU A 80 18.42 -31.15 -7.09
N THR A 81 19.51 -30.71 -7.71
CA THR A 81 20.59 -31.60 -8.11
C THR A 81 21.63 -31.70 -7.02
N PRO A 82 22.55 -32.67 -7.14
CA PRO A 82 23.62 -32.72 -6.15
C PRO A 82 24.42 -31.43 -6.11
N GLN A 83 24.59 -30.77 -7.24
CA GLN A 83 25.28 -29.49 -7.28
C GLN A 83 24.50 -28.38 -6.56
N ASP A 84 23.18 -28.36 -6.74
CA ASP A 84 22.31 -27.45 -5.98
C ASP A 84 22.49 -27.68 -4.50
N ILE A 85 22.46 -28.94 -4.09
CA ILE A 85 22.55 -29.25 -2.68
C ILE A 85 23.93 -28.91 -2.14
N ASP A 86 24.97 -29.12 -2.95
CA ASP A 86 26.33 -28.73 -2.55
C ASP A 86 26.40 -27.24 -2.24
N ILE A 87 25.67 -26.43 -3.00
CA ILE A 87 25.63 -24.99 -2.76
C ILE A 87 25.05 -24.67 -1.37
N LEU A 88 23.96 -25.31 -1.04
CA LEU A 88 23.32 -25.12 0.28
C LEU A 88 24.23 -25.57 1.42
N VAL A 89 24.87 -26.72 1.29
CA VAL A 89 25.78 -27.24 2.34
C VAL A 89 27.00 -26.33 2.51
N ARG A 90 27.55 -25.91 1.37
CA ARG A 90 28.72 -25.04 1.34
C ARG A 90 28.45 -23.77 2.14
N HIS A 91 27.25 -23.24 2.03
CA HIS A 91 26.87 -21.99 2.76
C HIS A 91 26.18 -22.20 4.13
N GLY A 92 26.24 -23.43 4.63
CA GLY A 92 25.80 -23.81 5.97
C GLY A 92 24.31 -23.78 6.24
N PHE A 93 23.49 -23.74 5.18
CA PHE A 93 22.05 -23.87 5.37
C PHE A 93 21.71 -25.29 5.83
N ASN A 94 20.72 -25.38 6.72
CA ASN A 94 20.32 -26.67 7.33
C ASN A 94 18.83 -26.97 7.25
N THR A 95 18.11 -26.22 6.41
CA THR A 95 16.70 -26.51 6.19
C THR A 95 16.31 -26.14 4.77
N VAL A 96 15.35 -26.91 4.26
CA VAL A 96 14.62 -26.60 3.04
C VAL A 96 13.13 -26.71 3.31
N ARG A 97 12.42 -25.64 2.96
CA ARG A 97 10.98 -25.68 2.84
C ARG A 97 10.67 -26.15 1.42
N LEU A 98 10.29 -27.41 1.32
CA LEU A 98 10.07 -28.09 0.04
C LEU A 98 8.57 -28.10 -0.25
N GLY A 99 8.18 -27.55 -1.39
CA GLY A 99 6.77 -27.45 -1.70
C GLY A 99 6.14 -28.80 -2.06
N THR A 100 4.89 -28.95 -1.65
CA THR A 100 4.01 -29.92 -2.24
C THR A 100 2.68 -29.18 -2.45
N SER A 101 1.64 -29.89 -2.83
CA SER A 101 0.34 -29.27 -2.97
C SER A 101 -0.74 -30.31 -3.03
N PHE A 102 -1.95 -29.87 -2.70
CA PHE A 102 -3.15 -30.71 -2.84
C PHE A 102 -3.28 -31.25 -4.29
N ASP A 103 -3.07 -30.37 -5.24
CA ASP A 103 -3.11 -30.72 -6.65
C ASP A 103 -2.09 -31.80 -7.03
N ALA A 104 -0.87 -31.67 -6.51
CA ALA A 104 0.17 -32.68 -6.73
C ALA A 104 -0.16 -34.01 -6.05
N LEU A 105 -0.73 -33.94 -4.85
CA LEU A 105 -1.00 -35.14 -4.08
C LEU A 105 -2.25 -35.89 -4.53
N MET A 106 -3.25 -35.14 -4.97
CA MET A 106 -4.55 -35.73 -5.32
C MET A 106 -5.11 -35.05 -6.57
N PRO A 107 -4.49 -35.30 -7.74
CA PRO A 107 -4.88 -34.54 -8.94
C PRO A 107 -6.25 -34.93 -9.52
N GLN A 108 -6.78 -36.07 -9.10
CA GLN A 108 -8.17 -36.42 -9.40
C GLN A 108 -8.93 -36.71 -8.13
N ARG A 109 -10.24 -36.43 -8.17
CA ARG A 109 -11.09 -36.61 -7.01
C ARG A 109 -10.86 -37.95 -6.29
N GLY A 110 -10.46 -37.85 -5.04
CA GLY A 110 -10.19 -39.02 -4.18
C GLY A 110 -9.03 -39.93 -4.54
N GLN A 111 -8.17 -39.55 -5.48
CA GLN A 111 -7.15 -40.47 -6.00
C GLN A 111 -5.76 -39.96 -5.67
N ILE A 112 -5.08 -40.58 -4.74
CA ILE A 112 -3.73 -40.14 -4.42
C ILE A 112 -2.79 -40.48 -5.58
N ASP A 113 -1.93 -39.56 -5.99
CA ASP A 113 -0.86 -39.85 -6.97
C ASP A 113 0.36 -40.45 -6.26
N GLU A 114 0.43 -41.79 -6.27
CA GLU A 114 1.50 -42.50 -5.57
C GLU A 114 2.85 -42.33 -6.28
N ALA A 115 2.81 -42.14 -7.60
CA ALA A 115 4.02 -41.83 -8.36
C ALA A 115 4.62 -40.46 -7.97
N TYR A 116 3.75 -39.45 -7.80
CA TYR A 116 4.21 -38.15 -7.31
C TYR A 116 4.85 -38.32 -5.93
N LEU A 117 4.21 -39.11 -5.07
CA LEU A 117 4.75 -39.34 -3.74
C LEU A 117 6.13 -39.99 -3.81
N ASP A 118 6.35 -40.89 -4.76
CA ASP A 118 7.69 -41.47 -4.94
C ASP A 118 8.71 -40.37 -5.25
N ARG A 119 8.35 -39.49 -6.17
CA ARG A 119 9.26 -38.41 -6.60
C ARG A 119 9.56 -37.43 -5.46
N LEU A 120 8.53 -37.07 -4.71
CA LEU A 120 8.70 -36.19 -3.58
C LEU A 120 9.59 -36.80 -2.50
N THR A 121 9.40 -38.07 -2.20
CA THR A 121 10.20 -38.70 -1.19
C THR A 121 11.64 -38.84 -1.69
N GLY A 122 11.85 -38.99 -3.00
CA GLY A 122 13.21 -39.00 -3.51
C GLY A 122 13.92 -37.69 -3.22
N VAL A 123 13.22 -36.57 -3.33
CA VAL A 123 13.85 -35.28 -3.07
C VAL A 123 14.09 -35.10 -1.57
N VAL A 124 13.09 -35.45 -0.78
CA VAL A 124 13.21 -35.42 0.66
C VAL A 124 14.46 -36.22 1.09
N ASP A 125 14.55 -37.46 0.65
CA ASP A 125 15.73 -38.31 1.00
C ASP A 125 17.08 -37.72 0.62
N ALA A 126 17.12 -37.04 -0.53
CA ALA A 126 18.36 -36.45 -1.03
C ALA A 126 18.80 -35.32 -0.10
N LEU A 127 17.82 -34.58 0.39
CA LEU A 127 18.09 -33.44 1.25
C LEU A 127 18.47 -33.89 2.64
N THR A 128 17.70 -34.82 3.21
CA THR A 128 17.96 -35.23 4.58
C THR A 128 19.29 -35.95 4.66
N ALA A 129 19.69 -36.65 3.59
CA ALA A 129 21.00 -37.32 3.52
C ALA A 129 22.17 -36.35 3.64
N ARG A 130 21.97 -35.09 3.25
CA ARG A 130 23.00 -34.05 3.32
C ARG A 130 22.82 -33.09 4.51
N GLY A 131 22.00 -33.48 5.47
CA GLY A 131 21.83 -32.73 6.72
C GLY A 131 20.78 -31.64 6.71
N MET A 132 19.92 -31.63 5.71
CA MET A 132 18.86 -30.62 5.61
C MET A 132 17.61 -31.13 6.28
N HIS A 133 17.10 -30.32 7.22
CA HIS A 133 15.79 -30.54 7.81
C HIS A 133 14.71 -30.09 6.81
N VAL A 134 13.81 -30.99 6.43
CA VAL A 134 12.85 -30.69 5.37
C VAL A 134 11.44 -30.43 5.94
N LEU A 135 10.93 -29.24 5.68
CA LEU A 135 9.57 -28.85 6.03
C LEU A 135 8.71 -28.97 4.78
N LEU A 136 7.67 -29.79 4.83
CA LEU A 136 6.82 -30.02 3.65
C LEU A 136 5.70 -28.96 3.64
N ASP A 137 5.76 -28.07 2.65
CA ASP A 137 4.89 -26.91 2.56
C ASP A 137 3.75 -27.20 1.60
N ASN A 138 2.55 -27.36 2.15
CA ASN A 138 1.34 -27.47 1.36
C ASN A 138 1.00 -26.08 0.80
N HIS A 139 1.49 -25.84 -0.41
CA HIS A 139 1.51 -24.51 -1.01
C HIS A 139 0.29 -24.20 -1.86
N GLN A 140 -0.08 -22.92 -1.88
CA GLN A 140 -1.06 -22.42 -2.82
C GLN A 140 -0.75 -20.95 -2.97
N ASP A 141 -1.13 -20.43 -4.12
CA ASP A 141 -1.28 -19.00 -4.33
C ASP A 141 -2.57 -18.84 -5.15
N GLY A 142 -3.44 -17.95 -4.71
CA GLY A 142 -4.67 -17.66 -5.45
C GLY A 142 -5.60 -18.87 -5.54
N LEU A 143 -5.51 -19.76 -4.55
CA LEU A 143 -6.40 -20.94 -4.41
C LEU A 143 -6.16 -22.10 -5.40
N SER A 144 -6.21 -21.80 -6.70
CA SER A 144 -6.20 -22.83 -7.73
C SER A 144 -5.77 -22.31 -9.09
N LYS A 145 -5.39 -23.19 -9.98
CA LYS A 145 -5.11 -22.77 -11.35
C LYS A 145 -6.31 -22.22 -12.13
N ALA A 146 -7.53 -22.40 -11.63
CA ALA A 146 -8.74 -21.77 -12.22
C ALA A 146 -8.55 -20.26 -12.33
N TRP A 147 -7.79 -19.68 -11.39
CA TRP A 147 -7.47 -18.24 -11.40
C TRP A 147 -6.05 -17.90 -11.90
N GLY A 148 -5.34 -18.87 -12.47
CA GLY A 148 -3.93 -18.68 -12.79
C GLY A 148 -3.01 -18.87 -11.58
N GLY A 149 -3.54 -19.34 -10.47
CA GLY A 149 -2.71 -19.65 -9.30
C GLY A 149 -2.40 -21.11 -9.25
N ASN A 150 -2.22 -21.64 -8.04
CA ASN A 150 -1.85 -23.02 -7.81
C ASN A 150 -2.29 -23.50 -6.42
N GLY A 151 -2.34 -24.81 -6.23
CA GLY A 151 -2.49 -25.43 -4.93
C GLY A 151 -3.65 -26.40 -4.81
N PHE A 152 -4.86 -25.88 -4.60
CA PHE A 152 -6.05 -26.73 -4.65
C PHE A 152 -6.32 -27.20 -6.09
N PRO A 153 -6.59 -28.50 -6.29
CA PRO A 153 -6.97 -28.97 -7.61
C PRO A 153 -8.29 -28.39 -8.05
N GLU A 154 -8.44 -28.15 -9.35
CA GLU A 154 -9.69 -27.57 -9.86
C GLU A 154 -10.92 -28.44 -9.57
N TRP A 155 -10.75 -29.76 -9.54
CA TRP A 155 -11.91 -30.61 -9.25
C TRP A 155 -12.53 -30.36 -7.85
N ALA A 156 -11.74 -29.84 -6.93
CA ALA A 156 -12.15 -29.68 -5.55
C ALA A 156 -12.94 -28.41 -5.21
N ILE A 157 -12.90 -27.45 -6.13
CA ILE A 157 -13.50 -26.14 -5.97
C ILE A 157 -14.55 -25.93 -7.06
N GLU A 158 -15.75 -25.51 -6.68
CA GLU A 158 -16.84 -25.25 -7.63
C GLU A 158 -16.71 -23.89 -8.30
N SER A 159 -16.41 -22.87 -7.52
CA SER A 159 -16.32 -21.52 -8.05
C SER A 159 -15.28 -21.39 -9.18
N ARG A 160 -15.58 -20.51 -10.13
CA ARG A 160 -14.72 -20.28 -11.28
C ARG A 160 -14.83 -18.80 -11.65
N PRO A 161 -13.76 -18.18 -12.13
CA PRO A 161 -13.86 -16.80 -12.57
C PRO A 161 -14.66 -16.69 -13.86
N ARG A 162 -15.36 -15.60 -14.09
CA ARG A 162 -16.15 -15.49 -15.31
C ARG A 162 -15.27 -14.81 -16.34
N GLU A 163 -15.60 -14.99 -17.62
CA GLU A 163 -14.79 -14.38 -18.68
C GLU A 163 -14.69 -12.88 -18.54
N TRP A 164 -15.69 -12.24 -17.97
CA TRP A 164 -15.67 -10.77 -17.93
C TRP A 164 -15.09 -10.21 -16.63
N GLU A 165 -14.67 -11.07 -15.70
CA GLU A 165 -14.24 -10.55 -14.39
C GLU A 165 -12.74 -10.29 -14.41
N PRO A 166 -12.33 -9.05 -14.09
CA PRO A 166 -10.92 -8.73 -14.22
C PRO A 166 -10.08 -9.62 -13.32
N ASN A 167 -8.99 -10.09 -13.87
CA ASN A 167 -8.04 -10.92 -13.12
C ASN A 167 -6.69 -10.25 -13.16
N PRO A 168 -6.30 -9.59 -12.05
CA PRO A 168 -5.02 -8.89 -12.10
C PRO A 168 -3.82 -9.78 -11.83
N GLY A 169 -4.05 -11.10 -11.68
CA GLY A 169 -2.97 -12.02 -11.33
C GLY A 169 -2.48 -11.82 -9.91
N PHE A 170 -1.46 -12.58 -9.55
CA PHE A 170 -0.87 -12.48 -8.23
C PHE A 170 -0.21 -11.10 -8.03
N PRO A 171 -0.42 -10.48 -6.87
CA PRO A 171 -1.18 -10.90 -5.69
C PRO A 171 -2.59 -10.34 -5.59
N LEU A 172 -2.95 -9.36 -6.43
CA LEU A 172 -4.26 -8.71 -6.26
C LEU A 172 -5.47 -9.60 -6.60
N TYR A 173 -5.26 -10.76 -7.22
CA TYR A 173 -6.39 -11.63 -7.51
C TYR A 173 -7.13 -12.13 -6.25
N TYR A 174 -6.55 -11.96 -5.06
CA TYR A 174 -7.25 -12.34 -3.84
C TYR A 174 -8.49 -11.43 -3.59
N LEU A 175 -8.57 -10.31 -4.30
CA LEU A 175 -9.74 -9.44 -4.27
C LEU A 175 -10.83 -9.80 -5.28
N MET A 176 -10.60 -10.80 -6.14
CA MET A 176 -11.64 -11.22 -7.09
C MET A 176 -12.82 -11.86 -6.36
N PRO A 177 -14.04 -11.47 -6.74
CA PRO A 177 -15.19 -12.07 -6.05
C PRO A 177 -15.27 -13.60 -6.21
N SER A 178 -14.90 -14.13 -7.37
CA SER A 178 -15.05 -15.57 -7.57
C SER A 178 -13.99 -16.32 -6.76
N LEU A 179 -12.81 -15.71 -6.63
CA LEU A 179 -11.73 -16.35 -5.86
C LEU A 179 -12.13 -16.37 -4.38
N ASN A 180 -12.72 -15.27 -3.91
CA ASN A 180 -13.30 -15.23 -2.55
C ASN A 180 -14.41 -16.27 -2.29
N ALA A 181 -15.29 -16.46 -3.27
CA ALA A 181 -16.31 -17.52 -3.17
C ALA A 181 -15.65 -18.91 -3.06
N GLY A 182 -14.52 -19.11 -3.75
CA GLY A 182 -13.75 -20.34 -3.61
C GLY A 182 -13.24 -20.56 -2.20
N TRP A 183 -12.60 -19.55 -1.63
CA TRP A 183 -12.18 -19.62 -0.24
C TRP A 183 -13.36 -19.90 0.70
N ASP A 184 -14.53 -19.30 0.45
CA ASP A 184 -15.71 -19.56 1.29
C ASP A 184 -16.09 -21.04 1.25
N GLU A 185 -15.93 -21.68 0.09
CA GLU A 185 -16.19 -23.11 -0.02
C GLU A 185 -15.23 -23.89 0.85
N VAL A 186 -13.99 -23.42 0.95
CA VAL A 186 -13.00 -24.09 1.79
C VAL A 186 -13.37 -24.05 3.26
N TRP A 187 -13.58 -22.85 3.76
CA TRP A 187 -13.89 -22.63 5.19
C TRP A 187 -15.26 -23.10 5.61
N GLY A 188 -16.20 -23.16 4.67
CA GLY A 188 -17.53 -23.72 4.91
C GLY A 188 -17.57 -25.21 4.70
N ASN A 189 -16.47 -25.81 4.23
CA ASN A 189 -16.44 -27.22 3.84
C ASN A 189 -17.67 -27.65 3.01
N THR A 190 -18.08 -26.74 2.15
CA THR A 190 -19.29 -26.84 1.36
C THR A 190 -19.35 -28.10 0.51
N HIS A 191 -18.22 -28.42 -0.14
CA HIS A 191 -18.10 -29.60 -1.00
C HIS A 191 -16.97 -30.54 -0.52
N GLY A 192 -16.66 -30.50 0.78
CA GLY A 192 -15.73 -31.44 1.40
C GLY A 192 -14.26 -31.21 1.05
N ALA A 193 -13.92 -29.99 0.61
CA ALA A 193 -12.55 -29.69 0.15
C ALA A 193 -11.51 -29.99 1.23
N LEU A 194 -11.79 -29.59 2.47
CA LEU A 194 -10.87 -29.85 3.58
C LEU A 194 -10.85 -31.30 4.01
N ASP A 195 -11.95 -32.02 3.83
CA ASP A 195 -11.95 -33.47 4.12
C ASP A 195 -10.97 -34.18 3.16
N HIS A 196 -11.06 -33.85 1.88
CA HIS A 196 -10.15 -34.41 0.89
C HIS A 196 -8.72 -33.97 1.16
N LEU A 197 -8.54 -32.72 1.57
CA LEU A 197 -7.20 -32.24 1.86
C LEU A 197 -6.63 -33.01 3.05
N GLY A 198 -7.46 -33.27 4.04
CA GLY A 198 -7.04 -34.15 5.14
C GLY A 198 -6.55 -35.51 4.69
N THR A 199 -7.26 -36.13 3.77
CA THR A 199 -6.81 -37.40 3.15
C THR A 199 -5.48 -37.30 2.45
N ALA A 200 -5.29 -36.21 1.70
CA ALA A 200 -4.06 -35.96 0.96
C ALA A 200 -2.87 -35.77 1.90
N LEU A 201 -3.03 -34.92 2.89
CA LEU A 201 -1.96 -34.65 3.85
C LEU A 201 -1.70 -35.84 4.76
N GLY A 202 -2.75 -36.60 5.04
CA GLY A 202 -2.62 -37.86 5.76
C GLY A 202 -1.77 -38.88 5.00
N ALA A 203 -1.97 -38.95 3.68
CA ALA A 203 -1.19 -39.86 2.81
C ALA A 203 0.27 -39.45 2.76
N LEU A 204 0.51 -38.16 2.62
CA LEU A 204 1.87 -37.62 2.69
C LEU A 204 2.54 -37.99 4.03
N ALA A 205 1.83 -37.75 5.12
CA ALA A 205 2.32 -38.00 6.47
C ALA A 205 2.68 -39.48 6.65
N GLU A 206 1.82 -40.35 6.14
CA GLU A 206 2.10 -41.78 6.17
C GLU A 206 3.37 -42.11 5.40
N ARG A 207 3.51 -41.55 4.21
CA ARG A 207 4.68 -41.81 3.37
C ARG A 207 5.99 -41.38 4.00
N VAL A 208 6.02 -40.27 4.72
CA VAL A 208 7.26 -39.80 5.32
C VAL A 208 7.44 -40.24 6.78
N GLU A 209 6.57 -41.11 7.27
CA GLU A 209 6.60 -41.52 8.68
C GLU A 209 7.90 -42.27 8.89
N GLY A 210 8.61 -41.99 9.98
CA GLY A 210 9.86 -42.68 10.22
C GLY A 210 11.12 -42.03 9.67
N LYS A 211 11.01 -40.89 8.96
CA LYS A 211 12.19 -40.21 8.41
C LYS A 211 12.60 -39.09 9.34
N PRO A 212 13.75 -39.24 10.01
CA PRO A 212 14.09 -38.27 11.05
C PRO A 212 14.28 -36.83 10.56
N GLY A 213 14.80 -36.63 9.35
CA GLY A 213 15.05 -35.27 8.83
C GLY A 213 13.83 -34.46 8.37
N VAL A 214 12.67 -35.08 8.39
CA VAL A 214 11.43 -34.37 8.08
C VAL A 214 10.99 -33.59 9.34
N MET A 215 11.05 -32.27 9.24
CA MET A 215 10.80 -31.45 10.40
C MET A 215 9.32 -31.18 10.60
N GLY A 216 8.51 -31.43 9.58
CA GLY A 216 7.07 -31.33 9.71
C GLY A 216 6.31 -31.13 8.41
N ILE A 217 4.99 -30.96 8.55
CA ILE A 217 4.10 -30.57 7.45
C ILE A 217 3.47 -29.24 7.81
N GLU A 218 3.61 -28.28 6.92
CA GLU A 218 3.00 -26.96 7.01
C GLU A 218 1.66 -27.05 6.31
N LEU A 219 0.58 -26.89 7.10
CA LEU A 219 -0.75 -27.31 6.66
C LEU A 219 -1.32 -26.54 5.47
N LEU A 220 -1.04 -25.24 5.39
CA LEU A 220 -1.49 -24.46 4.26
C LEU A 220 -0.76 -23.15 4.15
N ASN A 221 -0.16 -22.90 2.99
CA ASN A 221 0.45 -21.59 2.71
C ASN A 221 -0.59 -20.48 2.57
N GLU A 222 -0.33 -19.37 3.23
CA GLU A 222 -1.09 -18.13 3.11
C GLU A 222 -2.64 -18.25 3.00
N PRO A 223 -3.28 -18.81 4.04
CA PRO A 223 -4.74 -19.02 4.02
C PRO A 223 -5.49 -17.70 4.03
N TRP A 224 -6.33 -17.50 3.03
CA TRP A 224 -7.04 -16.22 2.87
C TRP A 224 -8.48 -16.37 3.41
N PRO A 225 -8.97 -15.35 4.14
CA PRO A 225 -10.28 -15.54 4.80
C PRO A 225 -11.50 -15.59 3.90
N GLY A 226 -11.37 -15.21 2.64
CA GLY A 226 -12.50 -15.21 1.75
C GLY A 226 -13.33 -13.94 1.88
N SER A 227 -14.62 -14.08 1.61
CA SER A 227 -15.53 -12.96 1.32
C SER A 227 -15.65 -11.93 2.40
N ARG A 228 -15.50 -12.38 3.63
CA ARG A 228 -15.59 -11.50 4.76
C ARG A 228 -14.20 -11.02 5.26
N PHE A 229 -13.20 -11.02 4.37
CA PHE A 229 -11.87 -10.52 4.76
C PHE A 229 -11.83 -9.09 5.35
N LEU A 230 -12.79 -8.22 5.02
CA LEU A 230 -12.77 -6.86 5.62
C LEU A 230 -13.01 -6.89 7.12
N SER A 231 -13.59 -7.96 7.64
CA SER A 231 -13.68 -8.09 9.10
C SER A 231 -12.31 -8.18 9.79
N CYS A 232 -11.25 -8.51 9.04
CA CYS A 232 -9.91 -8.61 9.62
C CYS A 232 -9.21 -7.25 9.81
N PHE A 233 -9.81 -6.16 9.32
CA PHE A 233 -9.21 -4.85 9.32
C PHE A 233 -10.11 -3.92 10.11
N PRO A 234 -9.53 -2.98 10.86
CA PRO A 234 -8.11 -2.69 10.95
C PRO A 234 -7.40 -3.35 12.13
N ASN A 235 -8.02 -4.32 12.80
CA ASN A 235 -7.36 -4.91 13.98
C ASN A 235 -7.50 -6.42 14.14
N GLY A 236 -7.68 -7.14 13.04
CA GLY A 236 -7.80 -8.59 13.08
C GLY A 236 -9.24 -9.08 13.18
N CYS A 237 -9.39 -10.40 13.06
CA CYS A 237 -10.70 -11.03 12.91
C CYS A 237 -10.75 -12.26 13.81
N PRO A 238 -11.06 -12.07 15.10
CA PRO A 238 -11.22 -13.19 16.01
C PRO A 238 -12.21 -14.26 15.54
N ASP A 239 -13.37 -13.87 15.02
CA ASP A 239 -14.34 -14.89 14.58
C ASP A 239 -13.80 -15.74 13.43
N PHE A 240 -13.16 -15.12 12.44
CA PHE A 240 -12.54 -15.91 11.40
C PHE A 240 -11.45 -16.83 11.94
N ASP A 241 -10.61 -16.31 12.84
CA ASP A 241 -9.56 -17.13 13.41
C ASP A 241 -10.07 -18.34 14.20
N ARG A 242 -11.25 -18.25 14.80
CA ARG A 242 -11.88 -19.44 15.39
C ARG A 242 -12.17 -20.47 14.32
N THR A 243 -12.75 -20.04 13.19
CA THR A 243 -13.07 -20.92 12.07
C THR A 243 -11.82 -21.59 11.48
N TYR A 244 -10.83 -20.73 11.23
CA TYR A 244 -9.52 -21.13 10.72
C TYR A 244 -8.81 -22.12 11.65
N GLN A 245 -8.77 -21.80 12.93
CA GLN A 245 -8.14 -22.67 13.90
C GLN A 245 -8.77 -24.07 13.97
N ALA A 246 -10.09 -24.12 14.00
CA ALA A 246 -10.82 -25.37 13.91
C ALA A 246 -10.48 -26.17 12.63
N ALA A 247 -10.32 -25.49 11.50
CA ALA A 247 -9.94 -26.18 10.26
C ALA A 247 -8.51 -26.74 10.33
N MET A 248 -7.59 -25.97 10.90
CA MET A 248 -6.21 -26.40 11.06
C MET A 248 -6.14 -27.56 12.05
N GLN A 249 -7.01 -27.56 13.05
CA GLN A 249 -7.01 -28.64 14.06
C GLN A 249 -7.53 -29.92 13.43
N LYS A 250 -8.55 -29.76 12.60
CA LYS A 250 -9.12 -30.89 11.87
C LYS A 250 -8.10 -31.54 10.93
N LEU A 251 -7.38 -30.72 10.18
CA LEU A 251 -6.25 -31.19 9.38
C LEU A 251 -5.13 -31.84 10.17
N THR A 252 -4.77 -31.23 11.30
CA THR A 252 -3.76 -31.75 12.20
C THR A 252 -4.20 -33.13 12.68
N ASP A 253 -5.47 -33.25 13.09
CA ASP A 253 -5.94 -34.54 13.62
C ASP A 253 -5.90 -35.63 12.52
N ALA A 254 -6.21 -35.24 11.28
CA ALA A 254 -6.13 -36.16 10.15
C ALA A 254 -4.67 -36.57 9.86
N VAL A 255 -3.74 -35.63 9.98
CA VAL A 255 -2.34 -35.95 9.78
C VAL A 255 -1.87 -36.94 10.85
N ARG A 256 -2.20 -36.63 12.09
CA ARG A 256 -1.72 -37.37 13.23
C ARG A 256 -2.36 -38.76 13.33
N ALA A 257 -3.55 -38.91 12.74
CA ALA A 257 -4.16 -40.25 12.61
C ALA A 257 -3.28 -41.23 11.84
N GLN A 258 -2.48 -40.73 10.91
CA GLN A 258 -1.58 -41.60 10.14
C GLN A 258 -0.11 -41.53 10.52
N ASN A 259 0.27 -40.44 11.17
CA ASN A 259 1.64 -40.21 11.60
C ASN A 259 1.56 -39.48 12.95
N PRO A 260 1.52 -40.25 14.06
CA PRO A 260 1.26 -39.72 15.39
C PRO A 260 2.27 -38.72 15.95
N THR A 261 3.47 -38.67 15.37
CA THR A 261 4.50 -37.84 15.92
C THR A 261 4.95 -36.68 15.02
N ILE A 262 4.50 -36.62 13.77
CA ILE A 262 5.05 -35.59 12.87
C ILE A 262 4.67 -34.17 13.32
N PRO A 263 5.66 -33.26 13.41
CA PRO A 263 5.26 -31.88 13.76
C PRO A 263 4.39 -31.23 12.68
N VAL A 264 3.48 -30.33 13.11
CA VAL A 264 2.62 -29.59 12.18
C VAL A 264 2.89 -28.12 12.32
N TYR A 265 2.95 -27.42 11.20
CA TYR A 265 3.30 -25.99 11.15
C TYR A 265 2.04 -25.23 10.71
N TRP A 266 1.59 -24.30 11.54
CA TRP A 266 0.34 -23.53 11.31
C TRP A 266 0.70 -22.09 11.00
N GLU A 267 0.27 -21.60 9.86
CA GLU A 267 0.43 -20.19 9.54
C GLU A 267 -0.68 -19.37 10.18
N PRO A 268 -0.39 -18.08 10.44
CA PRO A 268 -1.51 -17.19 10.71
C PRO A 268 -2.32 -17.00 9.44
N ASN A 269 -3.59 -16.58 9.54
CA ASN A 269 -4.30 -16.22 8.34
C ASN A 269 -3.57 -15.05 7.67
N VAL A 270 -3.64 -15.00 6.37
CA VAL A 270 -2.67 -14.18 5.66
C VAL A 270 -2.95 -12.67 5.70
N THR A 271 -4.06 -12.24 6.32
CA THR A 271 -4.17 -10.79 6.58
C THR A 271 -3.04 -10.30 7.51
N TRP A 272 -2.39 -11.26 8.19
CA TRP A 272 -1.07 -11.07 8.80
C TRP A 272 -0.12 -10.25 7.95
N ASN A 273 -0.07 -10.58 6.66
CA ASN A 273 0.87 -9.91 5.73
C ASN A 273 0.49 -8.47 5.42
N GLN A 274 -0.75 -8.10 5.76
CA GLN A 274 -1.22 -6.70 5.71
C GLN A 274 -1.32 -6.09 7.14
N MET A 275 -0.42 -6.55 8.02
CA MET A 275 -0.13 -6.02 9.37
C MET A 275 -1.12 -6.46 10.45
N MET A 276 -2.10 -7.31 10.11
CA MET A 276 -3.12 -7.65 11.09
C MET A 276 -2.63 -8.74 12.03
N PRO A 277 -2.95 -8.61 13.32
CA PRO A 277 -2.55 -9.59 14.30
C PRO A 277 -3.34 -10.88 14.15
N SER A 278 -2.74 -11.97 14.64
CA SER A 278 -3.40 -13.25 14.67
C SER A 278 -4.10 -13.44 16.00
N ASN A 279 -5.22 -14.15 15.97
CA ASN A 279 -5.95 -14.52 17.17
C ASN A 279 -5.94 -16.02 17.43
N LEU A 280 -4.93 -16.71 16.89
CA LEU A 280 -4.76 -18.13 17.19
C LEU A 280 -4.41 -18.28 18.66
N PHE A 281 -4.87 -19.39 19.22
CA PHE A 281 -4.41 -19.81 20.54
C PHE A 281 -4.72 -18.75 21.61
N ALA A 282 -5.96 -18.26 21.62
CA ALA A 282 -6.29 -17.08 22.45
C ALA A 282 -7.60 -17.25 23.20
N PRO A 283 -7.64 -18.19 24.14
CA PRO A 283 -8.86 -18.45 24.87
C PRO A 283 -9.26 -17.20 25.66
N PRO A 284 -10.57 -16.96 25.82
CA PRO A 284 -11.64 -17.87 25.47
C PRO A 284 -12.13 -17.73 24.04
N VAL A 285 -11.57 -16.80 23.27
CA VAL A 285 -12.09 -16.54 21.91
C VAL A 285 -11.77 -17.71 20.96
N THR A 286 -10.52 -18.15 20.98
CA THR A 286 -10.11 -19.37 20.33
C THR A 286 -9.46 -20.31 21.33
N PRO A 287 -9.51 -21.63 21.08
CA PRO A 287 -8.99 -22.57 22.08
C PRO A 287 -7.50 -22.51 22.33
N ALA A 288 -7.13 -22.86 23.56
CA ALA A 288 -5.75 -23.10 23.89
C ALA A 288 -5.31 -24.32 23.09
N LEU A 289 -4.04 -24.36 22.74
CA LEU A 289 -3.47 -25.51 22.07
C LEU A 289 -3.45 -26.71 23.01
N THR A 290 -3.91 -27.86 22.55
CA THR A 290 -3.81 -29.07 23.35
C THR A 290 -3.17 -30.17 22.52
N THR A 291 -2.36 -29.79 21.54
CA THR A 291 -1.73 -30.72 20.61
C THR A 291 -0.24 -30.47 20.68
N ALA A 292 0.53 -31.53 20.84
CA ALA A 292 1.98 -31.42 20.91
C ALA A 292 2.59 -31.14 19.56
N ASP A 293 3.75 -30.49 19.58
CA ASP A 293 4.56 -30.27 18.37
C ASP A 293 3.83 -29.52 17.25
N VAL A 294 3.37 -28.33 17.60
CA VAL A 294 2.77 -27.39 16.68
C VAL A 294 3.72 -26.20 16.71
N VAL A 295 4.09 -25.73 15.52
CA VAL A 295 5.02 -24.66 15.38
C VAL A 295 4.32 -23.57 14.59
N PHE A 296 4.52 -22.32 14.98
CA PHE A 296 3.94 -21.16 14.31
C PHE A 296 4.82 -20.79 13.11
N ALA A 297 4.16 -20.55 11.97
CA ALA A 297 4.84 -20.42 10.66
C ALA A 297 4.44 -19.12 9.92
N PRO A 298 4.82 -17.96 10.45
CA PRO A 298 4.51 -16.71 9.81
C PRO A 298 5.44 -16.32 8.70
N HIS A 299 4.97 -15.43 7.84
CA HIS A 299 5.82 -14.77 6.86
C HIS A 299 6.15 -13.36 7.29
N ASP A 300 7.22 -12.83 6.71
CA ASP A 300 7.76 -11.53 7.07
C ASP A 300 8.16 -10.83 5.77
N TYR A 301 7.20 -10.15 5.15
CA TYR A 301 7.44 -9.40 3.93
C TYR A 301 7.24 -7.93 4.13
N CYS A 302 7.97 -7.13 3.35
CA CYS A 302 7.78 -5.69 3.29
C CYS A 302 6.82 -5.36 2.15
N ILE A 303 5.68 -4.79 2.49
CA ILE A 303 4.67 -4.47 1.50
C ILE A 303 5.20 -3.59 0.35
N PRO A 304 5.87 -2.48 0.67
CA PRO A 304 6.30 -1.69 -0.48
C PRO A 304 7.36 -2.37 -1.32
N SER A 305 8.14 -3.26 -0.74
CA SER A 305 9.07 -4.05 -1.55
C SER A 305 8.27 -4.89 -2.52
N GLN A 306 7.29 -5.62 -2.01
CA GLN A 306 6.49 -6.51 -2.85
C GLN A 306 5.67 -5.76 -3.88
N LEU A 307 5.12 -4.61 -3.49
CA LEU A 307 4.40 -3.78 -4.46
C LEU A 307 5.28 -3.25 -5.58
N ALA A 308 6.55 -2.99 -5.29
CA ALA A 308 7.49 -2.53 -6.32
C ALA A 308 7.77 -3.69 -7.28
N ILE A 309 7.91 -4.89 -6.74
CA ILE A 309 8.22 -6.07 -7.57
C ILE A 309 7.03 -6.43 -8.47
N TYR A 310 5.83 -6.47 -7.88
CA TYR A 310 4.66 -6.98 -8.60
C TYR A 310 3.84 -5.93 -9.30
N LEU A 311 3.79 -4.72 -8.78
CA LEU A 311 3.02 -3.64 -9.41
C LEU A 311 3.87 -2.57 -10.05
N GLY A 312 5.18 -2.59 -9.86
CA GLY A 312 6.04 -1.53 -10.40
C GLY A 312 5.94 -0.20 -9.65
N LEU A 313 5.45 -0.21 -8.41
CA LEU A 313 5.32 1.04 -7.63
C LEU A 313 6.70 1.54 -7.18
N PRO A 314 6.82 2.82 -6.76
CA PRO A 314 8.18 3.33 -6.51
C PRO A 314 8.97 2.57 -5.44
N GLN A 315 10.19 2.21 -5.79
CA GLN A 315 11.05 1.49 -4.86
C GLN A 315 11.41 2.32 -3.62
N ALA A 316 11.47 3.64 -3.77
CA ALA A 316 11.73 4.51 -2.62
C ALA A 316 10.66 4.40 -1.48
N LEU A 317 9.47 3.86 -1.76
CA LEU A 317 8.47 3.62 -0.69
C LEU A 317 8.95 2.61 0.35
N ARG A 318 10.02 1.88 0.03
CA ARG A 318 10.64 0.94 0.98
C ARG A 318 11.22 1.62 2.23
N GLY A 319 11.25 2.97 2.21
CA GLY A 319 11.47 3.76 3.43
C GLY A 319 10.60 3.27 4.58
N LEU A 320 9.45 2.70 4.28
CA LEU A 320 8.60 2.19 5.31
C LEU A 320 8.79 0.72 5.74
N CYS A 321 9.75 0.01 5.14
CA CYS A 321 9.91 -1.41 5.45
C CYS A 321 10.25 -1.63 6.94
N VAL A 322 11.17 -0.83 7.47
CA VAL A 322 11.59 -1.01 8.86
C VAL A 322 10.41 -0.95 9.85
N PRO A 323 9.65 0.15 9.86
CA PRO A 323 8.56 0.18 10.83
C PRO A 323 7.45 -0.83 10.56
N GLN A 324 7.18 -1.16 9.31
CA GLN A 324 6.15 -2.13 9.02
C GLN A 324 6.59 -3.53 9.44
N GLN A 325 7.82 -3.91 9.11
CA GLN A 325 8.32 -5.21 9.57
C GLN A 325 8.45 -5.30 11.12
N ASP A 326 8.78 -4.18 11.78
CA ASP A 326 8.78 -4.18 13.25
C ASP A 326 7.41 -4.52 13.82
N LEU A 327 6.36 -4.08 13.14
CA LEU A 327 5.01 -4.47 13.52
C LEU A 327 4.80 -6.00 13.47
N THR A 328 5.28 -6.62 12.41
CA THR A 328 5.16 -8.07 12.30
C THR A 328 5.85 -8.76 13.47
N TRP A 329 7.03 -8.28 13.84
CA TRP A 329 7.79 -8.93 14.90
C TRP A 329 7.12 -8.76 16.24
N SER A 330 6.48 -7.62 16.44
CA SER A 330 5.67 -7.43 17.62
C SER A 330 4.47 -8.39 17.64
N ASN A 331 3.86 -8.64 16.49
CA ASN A 331 2.77 -9.62 16.42
C ASN A 331 3.27 -11.05 16.74
N ILE A 332 4.49 -11.36 16.29
CA ILE A 332 5.15 -12.63 16.63
C ILE A 332 5.37 -12.75 18.15
N ASP A 333 5.91 -11.70 18.77
CA ASP A 333 6.13 -11.73 20.23
C ASP A 333 4.83 -11.98 20.97
N ALA A 334 3.71 -11.45 20.47
CA ALA A 334 2.43 -11.67 21.17
C ALA A 334 2.03 -13.15 21.18
N ILE A 335 2.24 -13.82 20.05
CA ILE A 335 1.98 -15.26 19.93
C ILE A 335 2.91 -16.07 20.81
N THR A 336 4.18 -15.74 20.73
CA THR A 336 5.18 -16.40 21.52
C THR A 336 4.81 -16.33 23.00
N GLU A 337 4.42 -15.14 23.45
CA GLU A 337 4.13 -14.93 24.86
C GLU A 337 2.86 -15.67 25.33
N ARG A 338 1.86 -15.74 24.47
CA ARG A 338 0.54 -16.24 24.80
C ARG A 338 0.51 -17.76 24.63
N ALA A 339 1.20 -18.26 23.61
CA ALA A 339 1.14 -19.69 23.29
C ALA A 339 2.38 -20.51 23.64
N ASN A 340 3.54 -19.89 23.79
CA ASN A 340 4.72 -20.62 24.23
C ASN A 340 5.07 -21.78 23.28
N VAL A 341 4.95 -21.54 21.98
CA VAL A 341 5.38 -22.51 20.94
C VAL A 341 6.50 -21.90 20.11
N PRO A 342 7.23 -22.74 19.35
CA PRO A 342 8.28 -22.18 18.51
C PRO A 342 7.71 -21.44 17.31
N THR A 343 8.58 -20.63 16.68
CA THR A 343 8.29 -19.93 15.44
C THR A 343 9.45 -20.15 14.44
N VAL A 344 9.07 -20.40 13.19
CA VAL A 344 10.00 -20.34 12.07
C VAL A 344 9.41 -19.39 11.02
N ILE A 345 10.21 -18.47 10.52
CA ILE A 345 9.77 -17.58 9.45
C ILE A 345 9.86 -18.38 8.16
N THR A 346 8.74 -18.84 7.65
CA THR A 346 8.78 -19.76 6.53
C THR A 346 8.90 -19.13 5.16
N SER A 347 8.84 -17.80 5.08
CA SER A 347 9.00 -17.15 3.79
C SER A 347 9.32 -15.66 4.02
N PHE A 348 10.32 -15.14 3.32
CA PHE A 348 10.71 -13.72 3.36
C PHE A 348 11.67 -13.44 2.22
N GLY A 349 11.90 -12.16 1.93
CA GLY A 349 13.00 -11.75 1.05
C GLY A 349 12.64 -11.47 -0.40
N ASP A 350 12.48 -12.56 -1.15
CA ASP A 350 12.05 -12.55 -2.55
C ASP A 350 12.97 -11.66 -3.37
N GLY A 351 14.27 -11.82 -3.17
CA GLY A 351 15.24 -11.16 -4.04
C GLY A 351 15.61 -9.73 -3.75
N ASP A 352 14.99 -9.09 -2.75
CA ASP A 352 15.26 -7.70 -2.46
C ASP A 352 16.31 -7.60 -1.35
N PRO A 353 17.54 -7.23 -1.70
CA PRO A 353 18.57 -7.25 -0.66
C PRO A 353 18.44 -6.18 0.41
N THR A 354 17.67 -5.13 0.12
CA THR A 354 17.51 -4.00 1.05
C THR A 354 16.66 -4.30 2.29
N VAL A 355 15.82 -5.33 2.21
CA VAL A 355 14.88 -5.64 3.28
C VAL A 355 15.38 -6.77 4.19
N LEU A 356 16.42 -7.48 3.78
CA LEU A 356 16.79 -8.71 4.49
C LEU A 356 17.17 -8.48 5.92
N LYS A 357 17.89 -7.41 6.18
CA LYS A 357 18.41 -7.15 7.51
C LYS A 357 17.29 -7.02 8.54
N ASN A 358 16.13 -6.55 8.09
CA ASN A 358 14.94 -6.41 8.94
C ASN A 358 14.48 -7.76 9.48
N THR A 359 14.41 -8.77 8.63
CA THR A 359 14.15 -10.12 9.12
C THR A 359 15.33 -10.67 9.91
N LEU A 360 16.53 -10.61 9.34
CA LEU A 360 17.68 -11.33 9.88
C LEU A 360 18.03 -10.83 11.28
N ALA A 361 18.00 -9.53 11.47
CA ALA A 361 18.40 -8.96 12.76
C ALA A 361 17.36 -9.26 13.84
N ARG A 362 16.07 -9.14 13.50
CA ARG A 362 15.00 -9.40 14.42
C ARG A 362 14.90 -10.89 14.75
N ALA A 363 15.14 -11.74 13.75
CA ALA A 363 15.16 -13.20 14.01
C ALA A 363 16.29 -13.54 14.98
N ASP A 364 17.49 -13.01 14.72
CA ASP A 364 18.63 -13.24 15.61
C ASP A 364 18.33 -12.79 17.05
N GLU A 365 17.63 -11.68 17.22
CA GLU A 365 17.25 -11.18 18.56
C GLU A 365 16.43 -12.17 19.36
N ARG A 366 15.62 -12.95 18.66
CA ARG A 366 14.72 -13.90 19.30
C ARG A 366 15.15 -15.36 19.19
N PHE A 367 16.30 -15.60 18.52
CA PHE A 367 16.82 -16.93 18.21
C PHE A 367 15.77 -17.75 17.46
N ILE A 368 15.27 -17.13 16.41
CA ILE A 368 14.21 -17.69 15.55
C ILE A 368 14.82 -17.97 14.20
N GLY A 369 14.54 -19.12 13.64
CA GLY A 369 15.07 -19.44 12.33
C GLY A 369 14.16 -19.07 11.16
N TRP A 370 14.60 -19.43 9.96
CA TRP A 370 13.96 -18.93 8.77
C TRP A 370 14.29 -19.68 7.49
N GLN A 371 13.39 -19.50 6.52
CA GLN A 371 13.54 -20.04 5.18
C GLN A 371 13.27 -18.94 4.16
N TYR A 372 14.31 -18.62 3.41
CA TYR A 372 14.30 -17.58 2.40
C TYR A 372 13.52 -17.98 1.12
N TRP A 373 12.86 -17.00 0.50
CA TRP A 373 12.17 -17.19 -0.75
C TRP A 373 13.04 -16.49 -1.82
N HIS A 374 13.57 -17.19 -2.82
CA HIS A 374 13.37 -18.61 -3.16
C HIS A 374 14.69 -19.17 -3.74
N PHE A 375 14.89 -20.47 -3.66
CA PHE A 375 16.06 -21.14 -4.27
C PHE A 375 15.58 -22.15 -5.31
N GLY A 376 15.88 -21.88 -6.57
CA GLY A 376 15.41 -22.70 -7.69
C GLY A 376 16.33 -23.89 -7.86
N ALA A 377 15.85 -24.89 -8.57
CA ALA A 377 16.64 -26.07 -8.92
C ALA A 377 17.41 -25.77 -10.21
N GLY A 378 18.53 -26.45 -10.39
CA GLY A 378 19.30 -26.38 -11.64
C GLY A 378 20.14 -25.13 -11.77
N ASN A 379 20.75 -24.67 -10.70
CA ASN A 379 21.51 -23.44 -10.76
C ASN A 379 22.74 -23.65 -11.62
N ALA A 380 23.01 -22.77 -12.56
CA ALA A 380 24.27 -22.92 -13.31
C ALA A 380 25.39 -22.17 -12.61
N THR A 381 25.00 -21.19 -11.80
CA THR A 381 25.95 -20.42 -10.99
C THR A 381 25.45 -20.38 -9.54
N ASP A 382 26.33 -20.17 -8.58
CA ASP A 382 25.92 -20.00 -7.17
C ASP A 382 25.22 -18.64 -6.99
N PRO A 383 23.92 -18.61 -6.61
CA PRO A 383 23.19 -17.32 -6.49
C PRO A 383 23.40 -16.56 -5.15
N PHE A 384 24.27 -17.10 -4.29
CA PHE A 384 24.57 -16.50 -3.00
C PHE A 384 25.88 -15.72 -2.97
N LEU A 385 26.44 -15.41 -4.13
CA LEU A 385 27.75 -14.74 -4.20
C LEU A 385 27.64 -13.22 -4.35
N GLY A 386 26.44 -12.68 -4.22
CA GLY A 386 26.26 -11.26 -4.32
C GLY A 386 25.65 -10.69 -3.05
N GLU A 387 24.88 -9.62 -3.20
CA GLU A 387 24.39 -8.87 -2.04
C GLU A 387 23.39 -9.64 -1.18
N VAL A 388 22.54 -10.44 -1.79
CA VAL A 388 21.60 -11.26 -1.03
C VAL A 388 22.39 -12.26 -0.21
N GLY A 389 23.30 -12.98 -0.86
CA GLY A 389 24.03 -14.03 -0.17
C GLY A 389 24.93 -13.53 0.96
N ARG A 390 25.47 -12.34 0.78
CA ARG A 390 26.30 -11.71 1.80
C ARG A 390 25.58 -11.63 3.15
N GLN A 391 24.26 -11.48 3.09
CA GLN A 391 23.44 -11.37 4.30
C GLN A 391 22.87 -12.69 4.78
N LEU A 392 22.50 -13.58 3.85
CA LEU A 392 21.89 -14.86 4.22
C LEU A 392 22.88 -15.88 4.73
N VAL A 393 24.10 -15.84 4.18
CA VAL A 393 25.19 -16.74 4.54
C VAL A 393 25.89 -16.17 5.80
N ARG A 394 25.82 -16.92 6.89
CA ARG A 394 26.16 -16.37 8.18
C ARG A 394 26.89 -17.38 9.01
N THR A 395 27.64 -16.87 10.00
CA THR A 395 28.17 -17.70 11.05
C THR A 395 27.05 -17.82 12.07
N TYR A 396 26.65 -19.03 12.44
CA TYR A 396 25.53 -19.18 13.36
C TYR A 396 25.51 -20.55 14.00
N PRO A 397 24.94 -20.65 15.24
CA PRO A 397 24.91 -21.92 15.97
C PRO A 397 23.79 -22.85 15.47
N GLN A 398 24.16 -23.86 14.70
CA GLN A 398 23.16 -24.76 14.17
C GLN A 398 22.53 -25.54 15.30
N ALA A 399 23.32 -25.89 16.31
CA ALA A 399 22.82 -26.63 17.46
C ALA A 399 23.63 -26.28 18.69
N THR A 400 22.91 -25.95 19.77
CA THR A 400 23.51 -25.52 21.02
C THR A 400 23.22 -26.52 22.13
N ALA A 401 24.30 -26.98 22.77
CA ALA A 401 24.21 -27.81 23.97
C ALA A 401 23.95 -26.92 25.17
N GLY A 402 22.79 -26.29 25.15
CA GLY A 402 22.43 -25.27 26.11
C GLY A 402 21.21 -24.44 25.74
N GLU A 403 20.91 -23.51 26.63
CA GLU A 403 19.85 -22.53 26.45
C GLU A 403 20.46 -21.29 25.78
N PRO A 404 20.01 -20.97 24.57
CA PRO A 404 20.55 -19.83 23.84
C PRO A 404 20.37 -18.53 24.60
N GLY A 405 21.44 -17.75 24.61
CA GLY A 405 21.42 -16.39 25.11
C GLY A 405 21.57 -15.49 23.89
N ARG A 406 22.15 -14.32 24.07
CA ARG A 406 22.14 -13.33 22.97
C ARG A 406 23.24 -13.60 21.95
N MET A 407 22.97 -13.19 20.71
CA MET A 407 23.77 -13.49 19.53
C MET A 407 23.76 -12.29 18.59
N ILE A 408 24.89 -12.04 17.92
CA ILE A 408 24.97 -11.04 16.87
C ILE A 408 25.91 -11.53 15.77
N PHE A 409 25.54 -11.23 14.53
CA PHE A 409 26.40 -11.43 13.37
C PHE A 409 26.46 -10.11 12.62
N ASP A 410 27.66 -9.73 12.21
CA ASP A 410 27.89 -8.53 11.39
C ASP A 410 28.15 -9.02 9.98
N ALA A 411 27.20 -8.82 9.09
CA ALA A 411 27.29 -9.40 7.74
C ALA A 411 28.26 -8.65 6.80
N ASP A 412 28.76 -7.50 7.24
CA ASP A 412 29.80 -6.76 6.52
C ASP A 412 31.18 -7.35 6.70
N ASN A 413 31.56 -7.69 7.93
CA ASN A 413 32.92 -8.16 8.15
C ASN A 413 33.03 -9.51 8.85
N GLY A 414 31.90 -10.14 9.15
CA GLY A 414 31.92 -11.47 9.74
C GLY A 414 32.01 -11.54 11.26
N ASP A 415 32.10 -10.41 11.97
CA ASP A 415 32.15 -10.46 13.44
C ASP A 415 30.93 -11.22 13.99
N PHE A 416 31.18 -12.08 14.97
CA PHE A 416 30.15 -12.92 15.56
C PHE A 416 30.41 -13.08 17.05
N ALA A 417 29.35 -12.91 17.86
CA ALA A 417 29.36 -13.26 19.29
C ALA A 417 28.08 -13.94 19.70
N TYR A 418 28.19 -14.88 20.64
CA TYR A 418 27.09 -15.68 21.09
C TYR A 418 27.35 -16.14 22.52
N ARG A 419 26.34 -16.02 23.38
CA ARG A 419 26.42 -16.55 24.73
C ARG A 419 25.28 -17.53 24.94
N PHE A 420 25.56 -18.59 25.71
CA PHE A 420 24.54 -19.57 26.06
C PHE A 420 24.83 -20.21 27.41
N THR A 421 23.80 -20.83 27.97
CA THR A 421 23.90 -21.47 29.27
C THR A 421 23.90 -22.96 29.08
N PRO A 422 25.00 -23.61 29.42
CA PRO A 422 25.10 -25.04 29.14
C PRO A 422 24.03 -25.89 29.80
N ARG A 423 23.62 -26.95 29.11
CA ARG A 423 22.78 -28.02 29.68
C ARG A 423 23.37 -29.32 29.14
N ALA A 424 23.13 -30.46 29.79
CA ALA A 424 23.77 -31.68 29.29
C ALA A 424 23.10 -32.09 27.98
N ALA A 425 23.92 -32.54 27.05
CA ALA A 425 23.51 -32.94 25.70
C ALA A 425 24.49 -34.01 25.35
N THR A 426 24.22 -34.76 24.30
CA THR A 426 25.10 -35.87 23.91
C THR A 426 26.02 -35.50 22.74
N ARG A 427 25.88 -34.27 22.24
CA ARG A 427 26.80 -33.72 21.25
C ARG A 427 27.15 -32.31 21.69
N PRO A 428 28.30 -31.80 21.22
CA PRO A 428 28.70 -30.42 21.49
C PRO A 428 27.91 -29.39 20.70
N THR A 429 28.10 -28.14 21.04
CA THR A 429 27.57 -27.03 20.27
C THR A 429 28.27 -27.01 18.92
N GLU A 430 27.49 -26.84 17.85
CA GLU A 430 28.05 -26.74 16.51
C GLU A 430 27.66 -25.43 15.91
N ILE A 431 28.68 -24.69 15.49
CA ILE A 431 28.53 -23.37 14.91
C ILE A 431 29.10 -23.40 13.50
N PHE A 432 28.24 -23.11 12.54
CA PHE A 432 28.68 -23.02 11.16
C PHE A 432 29.37 -21.69 10.96
N VAL A 433 30.50 -21.73 10.27
CA VAL A 433 31.29 -20.54 10.01
C VAL A 433 31.15 -20.13 8.56
N SER A 434 30.71 -18.89 8.32
CA SER A 434 30.52 -18.44 6.95
C SER A 434 31.72 -18.74 6.04
N ASP A 435 31.42 -19.30 4.88
CA ASP A 435 32.44 -19.52 3.89
C ASP A 435 32.66 -18.27 3.04
N LEU A 436 31.92 -17.21 3.29
CA LEU A 436 32.13 -15.97 2.52
C LEU A 436 32.88 -14.84 3.23
N HIS A 437 32.82 -14.77 4.55
CA HIS A 437 33.22 -13.57 5.27
C HIS A 437 34.67 -13.51 5.78
N TYR A 438 35.41 -14.59 5.60
CA TYR A 438 36.74 -14.74 6.20
C TYR A 438 37.77 -15.14 5.15
N PRO A 439 38.15 -14.19 4.30
CA PRO A 439 39.05 -14.57 3.21
C PRO A 439 40.48 -14.95 3.67
N ASP A 440 40.89 -14.52 4.87
CA ASP A 440 42.22 -14.89 5.40
C ASP A 440 42.12 -15.83 6.57
N GLY A 441 41.02 -16.56 6.64
CA GLY A 441 40.75 -17.48 7.74
C GLY A 441 40.05 -16.76 8.87
N TYR A 442 39.77 -17.52 9.91
CA TYR A 442 39.00 -17.02 11.04
C TYR A 442 39.72 -17.35 12.36
N ALA A 443 39.49 -16.51 13.36
CA ALA A 443 39.93 -16.76 14.72
C ALA A 443 38.70 -17.06 15.61
N VAL A 444 38.89 -17.91 16.60
CA VAL A 444 37.82 -18.24 17.58
C VAL A 444 38.33 -18.06 18.97
N GLN A 445 37.53 -17.44 19.83
CA GLN A 445 37.79 -17.38 21.27
C GLN A 445 36.58 -17.90 21.99
N VAL A 446 36.81 -18.68 23.02
CA VAL A 446 35.73 -19.11 23.87
C VAL A 446 36.02 -18.83 25.35
N ASP A 447 35.08 -18.16 25.99
CA ASP A 447 35.08 -17.98 27.43
C ASP A 447 34.10 -18.97 28.04
N GLY A 448 34.61 -19.79 28.95
CA GLY A 448 33.79 -20.79 29.64
C GLY A 448 33.71 -22.10 28.90
N GLY A 449 34.54 -22.27 27.91
CA GLY A 449 34.56 -23.52 27.16
C GLY A 449 35.76 -23.62 26.27
N GLN A 450 35.80 -24.70 25.49
CA GLN A 450 36.90 -24.93 24.53
C GLN A 450 36.42 -25.31 23.14
N VAL A 451 37.25 -24.95 22.17
CA VAL A 451 37.06 -25.32 20.78
C VAL A 451 37.65 -26.67 20.60
N THR A 452 36.88 -27.61 20.08
CA THR A 452 37.41 -28.95 19.90
C THR A 452 37.57 -29.30 18.44
N SER A 453 37.32 -28.34 17.55
CA SER A 453 37.42 -28.59 16.13
C SER A 453 38.78 -28.14 15.63
N ALA A 454 39.16 -28.61 14.46
CA ALA A 454 40.45 -28.21 13.87
C ALA A 454 40.45 -26.78 13.36
N PRO A 455 41.65 -26.16 13.32
CA PRO A 455 41.73 -24.84 12.70
C PRO A 455 41.18 -24.83 11.28
N GLY A 456 40.45 -23.78 10.95
CA GLY A 456 39.86 -23.64 9.63
C GLY A 456 38.66 -24.54 9.36
N ALA A 457 38.20 -25.31 10.35
CA ALA A 457 37.02 -26.15 10.12
C ALA A 457 35.80 -25.31 9.74
N ARG A 458 35.04 -25.85 8.80
CA ARG A 458 33.70 -25.38 8.45
C ARG A 458 32.72 -25.27 9.64
N ILE A 459 32.80 -26.27 10.52
CA ILE A 459 32.02 -26.27 11.74
C ILE A 459 32.91 -26.14 12.98
N VAL A 460 32.65 -25.12 13.76
CA VAL A 460 33.27 -25.00 15.07
C VAL A 460 32.49 -25.79 16.11
N THR A 461 33.18 -26.68 16.83
CA THR A 461 32.57 -27.45 17.91
C THR A 461 33.07 -26.91 19.26
N VAL A 462 32.15 -26.68 20.18
CA VAL A 462 32.46 -26.07 21.45
C VAL A 462 31.90 -26.95 22.57
N VAL A 463 32.77 -27.27 23.52
CA VAL A 463 32.40 -28.00 24.73
C VAL A 463 32.53 -27.08 25.95
N ALA A 464 31.50 -27.02 26.79
CA ALA A 464 31.51 -26.16 27.96
C ALA A 464 32.45 -26.68 29.03
N ASP A 465 33.10 -25.75 29.73
CA ASP A 465 33.98 -26.06 30.86
C ASP A 465 33.17 -26.53 32.05
N GLY A 466 31.95 -26.03 32.20
CA GLY A 466 31.14 -26.30 33.40
C GLY A 466 29.71 -25.85 33.21
N SER A 467 29.05 -25.49 34.31
CA SER A 467 27.66 -25.01 34.31
C SER A 467 27.53 -23.52 33.96
N GLY A 468 28.62 -22.79 34.02
CA GLY A 468 28.55 -21.35 33.80
C GLY A 468 28.36 -21.02 32.33
N PRO A 469 27.92 -19.79 32.04
CA PRO A 469 27.70 -19.35 30.66
C PRO A 469 28.93 -19.45 29.76
N VAL A 470 28.67 -19.84 28.52
CA VAL A 470 29.72 -19.92 27.51
C VAL A 470 29.55 -18.74 26.53
N THR A 471 30.67 -18.07 26.24
CA THR A 471 30.71 -17.01 25.24
C THR A 471 31.67 -17.37 24.12
N VAL A 472 31.17 -17.35 22.89
CA VAL A 472 31.97 -17.65 21.72
C VAL A 472 32.08 -16.42 20.84
N LYS A 473 33.30 -16.09 20.41
CA LYS A 473 33.52 -15.05 19.43
C LYS A 473 34.25 -15.66 18.25
N ILE A 474 33.74 -15.35 17.07
CA ILE A 474 34.37 -15.73 15.83
C ILE A 474 34.50 -14.48 14.96
N ASN A 475 35.67 -14.32 14.38
CA ASN A 475 35.94 -13.16 13.57
C ASN A 475 37.21 -13.35 12.74
N ARG A 476 37.40 -12.41 11.83
CA ARG A 476 38.64 -12.28 11.09
C ARG A 476 39.79 -12.09 12.07
N PRO A 477 40.96 -12.67 11.78
CA PRO A 477 42.06 -12.66 12.78
C PRO A 477 42.44 -11.24 13.25
N GLY A 478 42.37 -10.26 12.37
CA GLY A 478 42.74 -8.91 12.73
C GLY A 478 41.62 -8.03 13.29
N SER A 479 40.44 -8.61 13.49
CA SER A 479 39.28 -7.84 13.97
C SER A 479 39.25 -7.88 15.48
N ALA A 480 38.81 -6.79 16.10
CA ALA A 480 38.53 -6.81 17.54
C ALA A 480 37.24 -7.54 17.88
N GLY A 481 36.41 -7.86 16.90
CA GLY A 481 35.28 -8.71 17.16
C GLY A 481 34.06 -7.99 17.66
N ALA A 482 33.00 -8.75 17.80
CA ALA A 482 31.71 -8.27 18.26
C ALA A 482 31.58 -8.50 19.76
N GLU A 483 30.65 -7.82 20.39
CA GLU A 483 30.35 -8.02 21.81
C GLU A 483 29.00 -8.69 21.87
N VAL A 484 28.75 -9.53 22.87
CA VAL A 484 27.40 -10.11 23.04
C VAL A 484 26.40 -8.99 23.30
N PRO A 485 25.26 -8.96 22.59
CA PRO A 485 24.31 -7.87 22.89
C PRO A 485 23.78 -7.88 24.33
N ASP A 486 23.54 -6.70 24.89
CA ASP A 486 23.07 -6.56 26.27
C ASP A 486 23.73 -7.54 27.23
N THR B 39 -11.00 44.10 -7.93
CA THR B 39 -11.33 43.87 -9.34
C THR B 39 -12.57 42.97 -9.45
N PRO B 40 -13.59 43.37 -10.24
CA PRO B 40 -14.80 42.50 -10.31
C PRO B 40 -14.52 41.10 -10.91
N ILE B 41 -14.91 40.03 -10.22
CA ILE B 41 -14.69 38.65 -10.66
C ILE B 41 -15.34 38.33 -12.02
N THR B 42 -14.70 37.50 -12.85
CA THR B 42 -15.31 37.08 -14.15
C THR B 42 -15.36 35.59 -14.33
N THR B 43 -16.00 35.15 -15.40
CA THR B 43 -15.91 33.76 -15.82
C THR B 43 -14.49 33.50 -16.29
N LEU B 44 -14.07 32.24 -16.19
CA LEU B 44 -12.79 31.80 -16.70
C LEU B 44 -12.99 30.91 -17.90
N GLN B 45 -12.17 31.15 -18.91
CA GLN B 45 -12.21 30.40 -20.16
C GLN B 45 -10.87 29.72 -20.39
N ALA B 46 -10.92 28.43 -20.66
CA ALA B 46 -9.70 27.70 -20.88
C ALA B 46 -9.10 28.08 -22.24
N ASP B 47 -7.79 28.24 -22.26
CA ASP B 47 -7.07 28.42 -23.51
C ASP B 47 -5.82 27.55 -23.41
N GLY B 48 -5.85 26.38 -24.04
CA GLY B 48 -4.86 25.32 -23.77
C GLY B 48 -4.87 25.08 -22.27
N THR B 49 -3.70 25.12 -21.65
CA THR B 49 -3.60 24.82 -20.22
C THR B 49 -3.92 26.01 -19.31
N HIS B 50 -4.19 27.18 -19.90
CA HIS B 50 -4.44 28.40 -19.13
C HIS B 50 -5.91 28.64 -18.84
N LEU B 51 -6.21 29.16 -17.65
CA LEU B 51 -7.53 29.70 -17.37
C LEU B 51 -7.42 31.20 -17.51
N VAL B 52 -8.24 31.78 -18.36
CA VAL B 52 -8.12 33.19 -18.71
C VAL B 52 -9.37 33.96 -18.31
N ASP B 53 -9.18 35.10 -17.64
CA ASP B 53 -10.31 35.87 -17.14
C ASP B 53 -10.87 36.81 -18.23
N GLY B 54 -11.91 37.56 -17.91
CA GLY B 54 -12.53 38.42 -18.94
C GLY B 54 -11.73 39.66 -19.27
N TYR B 55 -10.63 39.88 -18.56
CA TYR B 55 -9.78 41.01 -18.84
C TYR B 55 -8.57 40.55 -19.63
N GLY B 56 -8.52 39.25 -19.95
CA GLY B 56 -7.44 38.69 -20.75
C GLY B 56 -6.25 38.20 -19.93
N ARG B 57 -6.42 38.11 -18.61
CA ARG B 57 -5.31 37.69 -17.76
C ARG B 57 -5.34 36.20 -17.48
N THR B 58 -4.17 35.62 -17.35
CA THR B 58 -4.06 34.23 -16.93
C THR B 58 -4.17 34.13 -15.40
N VAL B 59 -5.04 33.24 -14.90
CA VAL B 59 -5.39 33.21 -13.47
C VAL B 59 -4.78 31.97 -12.78
N LEU B 60 -4.30 32.19 -11.54
CA LEU B 60 -3.80 31.15 -10.66
C LEU B 60 -4.72 31.18 -9.44
N LEU B 61 -5.33 30.02 -9.16
CA LEU B 61 -6.33 29.89 -8.10
C LEU B 61 -5.77 29.06 -6.96
N HIS B 62 -5.76 29.66 -5.77
CA HIS B 62 -5.45 29.02 -4.51
C HIS B 62 -6.61 29.20 -3.54
N GLY B 63 -7.08 28.09 -3.00
CA GLY B 63 -8.14 28.17 -2.06
C GLY B 63 -8.46 26.91 -1.32
N VAL B 64 -9.75 26.76 -1.00
CA VAL B 64 -10.18 25.76 -0.04
C VAL B 64 -11.47 25.07 -0.45
N ASN B 65 -11.67 23.89 0.14
CA ASN B 65 -12.92 23.14 0.08
C ASN B 65 -13.87 23.53 1.23
N ASN B 66 -15.16 23.64 0.92
CA ASN B 66 -16.21 23.74 1.92
C ASN B 66 -17.38 22.89 1.40
N VAL B 67 -17.59 21.77 2.07
CA VAL B 67 -18.43 20.68 1.57
C VAL B 67 -19.36 20.20 2.68
N ASP B 68 -20.67 20.38 2.49
CA ASP B 68 -21.67 19.87 3.42
C ASP B 68 -22.16 18.50 2.94
N LYS B 69 -21.93 17.47 3.76
CA LYS B 69 -22.22 16.07 3.37
C LYS B 69 -23.49 15.44 3.97
N ASP B 70 -24.22 16.18 4.80
CA ASP B 70 -25.38 15.66 5.54
C ASP B 70 -26.55 16.62 5.46
N ALA B 71 -27.73 16.10 5.17
CA ALA B 71 -28.96 16.89 5.14
C ALA B 71 -29.27 17.35 6.56
N PRO B 72 -29.82 18.56 6.71
CA PRO B 72 -30.08 19.57 5.67
C PRO B 72 -28.82 20.17 5.10
N TYR B 73 -28.86 20.41 3.80
CA TYR B 73 -27.70 20.90 3.10
C TYR B 73 -27.74 22.42 3.07
N LEU B 74 -26.64 23.04 3.46
CA LEU B 74 -26.51 24.51 3.44
C LEU B 74 -27.72 25.22 4.05
N PRO B 75 -28.07 24.89 5.29
CA PRO B 75 -29.22 25.54 5.90
C PRO B 75 -29.02 27.03 6.11
N ALA B 76 -30.14 27.75 6.10
CA ALA B 76 -30.14 29.22 6.17
C ALA B 76 -29.49 29.68 7.42
N GLY B 77 -28.56 30.62 7.29
CA GLY B 77 -27.84 31.14 8.43
C GLY B 77 -26.83 30.21 9.07
N GLU B 78 -26.58 29.04 8.46
CA GLU B 78 -25.67 28.04 9.01
C GLU B 78 -24.44 27.69 8.12
N THR B 79 -24.13 28.59 7.21
CA THR B 79 -23.11 28.38 6.19
C THR B 79 -21.98 29.37 6.45
N LEU B 80 -20.99 29.37 5.58
CA LEU B 80 -19.84 30.24 5.75
C LEU B 80 -20.31 31.63 6.14
N THR B 81 -19.75 32.14 7.22
CA THR B 81 -20.11 33.48 7.70
C THR B 81 -19.28 34.55 6.99
N PRO B 82 -19.72 35.83 7.03
CA PRO B 82 -18.91 36.92 6.49
C PRO B 82 -17.49 36.97 7.08
N GLN B 83 -17.37 36.63 8.36
CA GLN B 83 -16.07 36.50 9.00
C GLN B 83 -15.27 35.31 8.51
N ASP B 84 -15.93 34.18 8.23
CA ASP B 84 -15.23 33.06 7.58
C ASP B 84 -14.62 33.54 6.26
N ILE B 85 -15.41 34.25 5.47
CA ILE B 85 -14.96 34.71 4.16
C ILE B 85 -13.88 35.80 4.32
N ASP B 86 -14.01 36.67 5.34
CA ASP B 86 -12.92 37.64 5.67
C ASP B 86 -11.59 36.94 5.88
N ILE B 87 -11.61 35.77 6.51
CA ILE B 87 -10.40 34.96 6.70
C ILE B 87 -9.75 34.60 5.35
N LEU B 88 -10.57 34.12 4.43
CA LEU B 88 -10.10 33.71 3.12
C LEU B 88 -9.55 34.89 2.34
N VAL B 89 -10.23 36.04 2.44
CA VAL B 89 -9.79 37.26 1.77
C VAL B 89 -8.46 37.76 2.37
N ARG B 90 -8.38 37.81 3.69
CA ARG B 90 -7.19 38.30 4.41
C ARG B 90 -5.94 37.53 3.95
N HIS B 91 -6.13 36.23 3.71
CA HIS B 91 -5.04 35.34 3.31
C HIS B 91 -4.85 35.15 1.82
N GLY B 92 -5.62 35.90 1.05
CA GLY B 92 -5.42 35.97 -0.38
C GLY B 92 -5.96 34.83 -1.22
N PHE B 93 -6.73 33.93 -0.61
CA PHE B 93 -7.36 32.91 -1.39
C PHE B 93 -8.39 33.49 -2.35
N ASN B 94 -8.55 32.82 -3.48
CA ASN B 94 -9.44 33.31 -4.55
C ASN B 94 -10.31 32.23 -5.19
N THR B 95 -10.48 31.10 -4.50
CA THR B 95 -11.40 30.08 -4.95
C THR B 95 -11.95 29.28 -3.79
N VAL B 96 -13.20 28.87 -3.89
CA VAL B 96 -13.76 27.85 -2.98
C VAL B 96 -14.37 26.73 -3.82
N ARG B 97 -14.00 25.49 -3.48
CA ARG B 97 -14.70 24.31 -3.99
C ARG B 97 -15.87 24.05 -3.05
N LEU B 98 -17.06 24.41 -3.54
CA LEU B 98 -18.29 24.32 -2.76
C LEU B 98 -19.04 23.03 -3.05
N GLY B 99 -19.22 22.21 -2.02
CA GLY B 99 -19.84 20.93 -2.21
C GLY B 99 -21.34 21.06 -2.48
N THR B 100 -21.82 20.31 -3.47
CA THR B 100 -23.25 20.02 -3.61
C THR B 100 -23.30 18.50 -3.73
N SER B 101 -24.46 17.95 -4.03
CA SER B 101 -24.58 16.52 -4.21
C SER B 101 -25.89 16.18 -4.90
N PHE B 102 -25.95 14.96 -5.42
CA PHE B 102 -27.14 14.43 -6.09
C PHE B 102 -28.29 14.34 -5.02
N ASP B 103 -27.92 13.94 -3.80
CA ASP B 103 -28.89 13.81 -2.69
C ASP B 103 -29.48 15.19 -2.32
N ALA B 104 -28.65 16.22 -2.34
CA ALA B 104 -29.10 17.56 -2.04
C ALA B 104 -30.02 18.10 -3.14
N LEU B 105 -29.62 17.86 -4.39
CA LEU B 105 -30.32 18.41 -5.54
C LEU B 105 -31.64 17.73 -5.87
N MET B 106 -31.68 16.41 -5.71
CA MET B 106 -32.85 15.60 -6.10
C MET B 106 -33.14 14.59 -4.98
N PRO B 107 -33.79 15.08 -3.93
CA PRO B 107 -33.91 14.26 -2.71
C PRO B 107 -34.98 13.22 -2.76
N GLN B 108 -35.91 13.34 -3.69
CA GLN B 108 -36.80 12.23 -4.00
C GLN B 108 -36.79 12.06 -5.50
N ARG B 109 -37.15 10.88 -5.97
CA ARG B 109 -37.11 10.61 -7.42
C ARG B 109 -37.88 11.68 -8.21
N GLY B 110 -37.20 12.33 -9.15
CA GLY B 110 -37.83 13.26 -10.09
C GLY B 110 -38.23 14.64 -9.59
N GLN B 111 -37.77 15.02 -8.40
CA GLN B 111 -38.07 16.34 -7.89
C GLN B 111 -36.79 17.01 -7.45
N ILE B 112 -36.49 18.13 -8.10
CA ILE B 112 -35.38 18.98 -7.72
C ILE B 112 -35.77 19.82 -6.52
N ASP B 113 -34.87 19.92 -5.55
CA ASP B 113 -35.15 20.71 -4.39
C ASP B 113 -34.84 22.17 -4.67
N GLU B 114 -35.87 22.91 -5.08
CA GLU B 114 -35.66 24.30 -5.43
C GLU B 114 -35.33 25.17 -4.24
N ALA B 115 -35.82 24.83 -3.05
CA ALA B 115 -35.44 25.55 -1.84
C ALA B 115 -33.93 25.44 -1.61
N TYR B 116 -33.42 24.23 -1.73
CA TYR B 116 -31.99 23.98 -1.61
C TYR B 116 -31.20 24.79 -2.64
N LEU B 117 -31.65 24.78 -3.90
CA LEU B 117 -30.97 25.54 -4.94
C LEU B 117 -30.89 27.02 -4.62
N ASP B 118 -31.96 27.58 -4.05
CA ASP B 118 -31.93 28.97 -3.58
C ASP B 118 -30.88 29.16 -2.49
N ARG B 119 -30.75 28.23 -1.55
CA ARG B 119 -29.74 28.36 -0.48
C ARG B 119 -28.33 28.32 -1.07
N LEU B 120 -28.11 27.34 -1.96
CA LEU B 120 -26.83 27.16 -2.60
C LEU B 120 -26.45 28.43 -3.34
N THR B 121 -27.41 28.98 -4.08
CA THR B 121 -27.21 30.24 -4.83
C THR B 121 -26.81 31.40 -3.91
N GLY B 122 -27.43 31.46 -2.74
CA GLY B 122 -27.08 32.45 -1.73
C GLY B 122 -25.63 32.34 -1.30
N VAL B 123 -25.14 31.12 -1.13
CA VAL B 123 -23.76 30.95 -0.74
C VAL B 123 -22.81 31.34 -1.87
N VAL B 124 -23.09 30.86 -3.08
CA VAL B 124 -22.32 31.22 -4.27
C VAL B 124 -22.21 32.75 -4.43
N ASP B 125 -23.33 33.44 -4.27
CA ASP B 125 -23.36 34.90 -4.47
C ASP B 125 -22.53 35.60 -3.42
N ALA B 126 -22.54 35.10 -2.19
CA ALA B 126 -21.74 35.68 -1.14
C ALA B 126 -20.25 35.51 -1.42
N LEU B 127 -19.87 34.32 -1.86
CA LEU B 127 -18.49 34.02 -2.20
C LEU B 127 -17.99 34.82 -3.41
N THR B 128 -18.73 34.81 -4.50
CA THR B 128 -18.32 35.55 -5.70
C THR B 128 -18.25 37.06 -5.50
N ALA B 129 -19.14 37.58 -4.67
CA ALA B 129 -19.13 39.00 -4.34
C ALA B 129 -17.81 39.40 -3.63
N ARG B 130 -17.15 38.47 -2.94
CA ARG B 130 -15.86 38.75 -2.29
C ARG B 130 -14.62 38.23 -3.02
N GLY B 131 -14.78 37.87 -4.30
CA GLY B 131 -13.66 37.56 -5.19
C GLY B 131 -13.26 36.09 -5.18
N MET B 132 -14.13 35.24 -4.66
CA MET B 132 -13.89 33.78 -4.71
C MET B 132 -14.54 33.18 -5.96
N HIS B 133 -13.70 32.61 -6.82
CA HIS B 133 -14.15 31.73 -7.90
C HIS B 133 -14.71 30.43 -7.33
N VAL B 134 -15.98 30.13 -7.63
CA VAL B 134 -16.63 29.01 -7.00
C VAL B 134 -16.72 27.81 -7.96
N LEU B 135 -16.19 26.67 -7.50
CA LEU B 135 -16.31 25.41 -8.22
C LEU B 135 -17.35 24.56 -7.52
N LEU B 136 -18.37 24.14 -8.25
CA LEU B 136 -19.46 23.34 -7.66
C LEU B 136 -19.10 21.88 -7.78
N ASP B 137 -18.84 21.26 -6.63
CA ASP B 137 -18.33 19.89 -6.54
C ASP B 137 -19.52 18.95 -6.27
N ASN B 138 -19.90 18.15 -7.26
CA ASN B 138 -20.88 17.11 -7.04
C ASN B 138 -20.22 15.99 -6.23
N HIS B 139 -20.35 16.08 -4.93
CA HIS B 139 -19.58 15.25 -4.00
C HIS B 139 -20.18 13.91 -3.65
N GLN B 140 -19.32 12.93 -3.35
CA GLN B 140 -19.76 11.67 -2.75
C GLN B 140 -18.60 11.03 -2.03
N ASP B 141 -18.92 10.16 -1.08
CA ASP B 141 -17.94 9.23 -0.54
C ASP B 141 -18.71 7.94 -0.31
N GLY B 142 -18.18 6.82 -0.73
CA GLY B 142 -18.79 5.56 -0.43
C GLY B 142 -20.16 5.44 -1.04
N LEU B 143 -20.38 6.18 -2.11
CA LEU B 143 -21.58 6.09 -2.94
C LEU B 143 -22.84 6.70 -2.34
N SER B 144 -23.24 6.18 -1.19
CA SER B 144 -24.50 6.57 -0.61
C SER B 144 -24.57 6.38 0.91
N LYS B 145 -25.63 6.93 1.52
CA LYS B 145 -25.85 6.78 2.96
C LYS B 145 -26.08 5.31 3.37
N ALA B 146 -26.46 4.48 2.40
CA ALA B 146 -26.67 3.06 2.67
C ALA B 146 -25.43 2.41 3.26
N TRP B 147 -24.23 2.92 2.95
CA TRP B 147 -22.99 2.35 3.46
C TRP B 147 -22.37 3.20 4.53
N GLY B 148 -23.10 4.21 4.98
CA GLY B 148 -22.53 5.22 5.87
C GLY B 148 -21.81 6.32 5.13
N GLY B 149 -22.00 6.37 3.81
CA GLY B 149 -21.37 7.37 2.97
C GLY B 149 -22.32 8.51 2.65
N ASN B 150 -22.09 9.16 1.52
CA ASN B 150 -22.88 10.33 1.12
C ASN B 150 -22.81 10.49 -0.37
N GLY B 151 -23.78 11.21 -0.92
CA GLY B 151 -23.71 11.71 -2.28
C GLY B 151 -24.87 11.29 -3.16
N PHE B 152 -24.88 10.04 -3.61
CA PHE B 152 -26.04 9.54 -4.40
C PHE B 152 -27.20 9.32 -3.41
N PRO B 153 -28.43 9.79 -3.75
CA PRO B 153 -29.57 9.47 -2.87
C PRO B 153 -29.86 7.98 -2.77
N GLU B 154 -30.31 7.53 -1.62
CA GLU B 154 -30.62 6.12 -1.45
C GLU B 154 -31.71 5.66 -2.43
N TRP B 155 -32.67 6.52 -2.79
CA TRP B 155 -33.74 6.10 -3.72
C TRP B 155 -33.15 5.72 -5.07
N ALA B 156 -31.98 6.26 -5.43
CA ALA B 156 -31.38 6.04 -6.76
C ALA B 156 -30.63 4.74 -6.96
N ILE B 157 -30.24 4.10 -5.87
CA ILE B 157 -29.36 2.94 -5.89
C ILE B 157 -30.10 1.74 -5.29
N GLU B 158 -30.08 0.61 -5.98
CA GLU B 158 -30.78 -0.59 -5.53
C GLU B 158 -30.00 -1.39 -4.50
N SER B 159 -28.74 -1.65 -4.80
CA SER B 159 -27.85 -2.38 -3.88
C SER B 159 -27.85 -1.81 -2.44
N ARG B 160 -27.83 -2.74 -1.48
CA ARG B 160 -27.76 -2.43 -0.05
C ARG B 160 -26.84 -3.45 0.58
N PRO B 161 -26.12 -3.07 1.63
CA PRO B 161 -25.25 -4.03 2.29
C PRO B 161 -26.06 -5.12 2.95
N ARG B 162 -25.54 -6.33 2.99
CA ARG B 162 -26.24 -7.44 3.63
C ARG B 162 -25.95 -7.45 5.13
N GLU B 163 -26.80 -8.09 5.92
CA GLU B 163 -26.80 -7.82 7.35
C GLU B 163 -25.47 -8.19 8.06
N TRP B 164 -24.81 -9.21 7.53
CA TRP B 164 -23.50 -9.71 8.01
C TRP B 164 -22.30 -9.23 7.19
N GLU B 165 -22.52 -8.37 6.20
CA GLU B 165 -21.45 -7.95 5.32
C GLU B 165 -20.56 -6.99 6.11
N PRO B 166 -19.27 -7.33 6.32
CA PRO B 166 -18.45 -6.42 7.13
C PRO B 166 -18.32 -5.04 6.48
N ASN B 167 -18.53 -3.99 7.27
CA ASN B 167 -18.42 -2.61 6.79
C ASN B 167 -17.38 -1.91 7.63
N PRO B 168 -16.21 -1.69 7.05
CA PRO B 168 -15.13 -1.05 7.81
C PRO B 168 -15.16 0.47 7.80
N GLY B 169 -16.20 1.04 7.21
CA GLY B 169 -16.27 2.50 7.05
C GLY B 169 -15.30 3.07 6.05
N PHE B 170 -15.27 4.40 6.00
CA PHE B 170 -14.41 5.11 5.10
C PHE B 170 -12.96 4.92 5.53
N PRO B 171 -12.05 4.63 4.60
CA PRO B 171 -12.21 4.49 3.17
C PRO B 171 -12.30 3.05 2.67
N LEU B 172 -12.09 2.05 3.53
CA LEU B 172 -12.02 0.67 3.02
C LEU B 172 -13.36 0.11 2.57
N TYR B 173 -14.45 0.81 2.87
CA TYR B 173 -15.75 0.34 2.42
C TYR B 173 -15.87 0.24 0.89
N TYR B 174 -14.95 0.87 0.14
CA TYR B 174 -14.95 0.73 -1.33
C TYR B 174 -14.69 -0.70 -1.76
N LEU B 175 -14.21 -1.53 -0.84
CA LEU B 175 -14.01 -2.96 -1.12
C LEU B 175 -15.21 -3.86 -0.78
N MET B 176 -16.30 -3.31 -0.26
CA MET B 176 -17.48 -4.12 0.05
C MET B 176 -18.17 -4.58 -1.23
N PRO B 177 -18.56 -5.86 -1.30
CA PRO B 177 -19.18 -6.34 -2.53
C PRO B 177 -20.44 -5.55 -2.92
N SER B 178 -21.28 -5.21 -1.94
CA SER B 178 -22.55 -4.50 -2.19
C SER B 178 -22.28 -3.08 -2.70
N LEU B 179 -21.25 -2.45 -2.17
CA LEU B 179 -20.87 -1.09 -2.59
C LEU B 179 -20.40 -1.10 -4.06
N ASN B 180 -19.59 -2.11 -4.41
CA ASN B 180 -19.17 -2.32 -5.78
C ASN B 180 -20.36 -2.59 -6.76
N ALA B 181 -21.31 -3.41 -6.31
CA ALA B 181 -22.57 -3.61 -7.07
C ALA B 181 -23.32 -2.32 -7.29
N GLY B 182 -23.37 -1.44 -6.29
CA GLY B 182 -23.93 -0.10 -6.48
C GLY B 182 -23.22 0.71 -7.55
N TRP B 183 -21.89 0.75 -7.49
CA TRP B 183 -21.14 1.46 -8.55
C TRP B 183 -21.41 0.88 -9.94
N ASP B 184 -21.61 -0.43 -10.00
CA ASP B 184 -21.89 -1.05 -11.29
C ASP B 184 -23.22 -0.56 -11.84
N GLU B 185 -24.19 -0.29 -10.97
CA GLU B 185 -25.47 0.29 -11.41
C GLU B 185 -25.26 1.68 -11.98
N VAL B 186 -24.34 2.43 -11.40
CA VAL B 186 -24.05 3.76 -11.90
C VAL B 186 -23.45 3.67 -13.32
N TRP B 187 -22.32 2.98 -13.47
CA TRP B 187 -21.61 2.98 -14.77
C TRP B 187 -22.40 2.24 -15.86
N GLY B 188 -23.19 1.25 -15.48
CA GLY B 188 -24.10 0.58 -16.43
C GLY B 188 -25.45 1.26 -16.57
N ASN B 189 -25.66 2.31 -15.77
CA ASN B 189 -26.93 3.03 -15.71
C ASN B 189 -28.08 2.07 -15.60
N THR B 190 -27.94 1.01 -14.80
CA THR B 190 -28.88 -0.08 -14.87
C THR B 190 -30.26 0.19 -14.21
N HIS B 191 -30.34 1.22 -13.37
CA HIS B 191 -31.64 1.67 -12.86
C HIS B 191 -31.83 3.14 -13.16
N GLY B 192 -31.13 3.66 -14.18
CA GLY B 192 -31.31 5.04 -14.62
C GLY B 192 -30.62 6.10 -13.76
N ALA B 193 -29.75 5.72 -12.83
CA ALA B 193 -29.17 6.71 -11.93
C ALA B 193 -28.43 7.84 -12.63
N LEU B 194 -27.75 7.54 -13.74
CA LEU B 194 -27.03 8.58 -14.46
C LEU B 194 -27.96 9.49 -15.29
N ASP B 195 -29.11 8.96 -15.73
CA ASP B 195 -30.13 9.81 -16.37
C ASP B 195 -30.57 10.87 -15.34
N HIS B 196 -30.90 10.41 -14.15
CA HIS B 196 -31.34 11.32 -13.10
C HIS B 196 -30.25 12.31 -12.66
N LEU B 197 -29.00 11.88 -12.60
CA LEU B 197 -27.92 12.79 -12.23
C LEU B 197 -27.80 13.89 -13.28
N GLY B 198 -27.94 13.49 -14.54
CA GLY B 198 -27.94 14.44 -15.63
C GLY B 198 -28.96 15.53 -15.43
N THR B 199 -30.19 15.14 -15.11
CA THR B 199 -31.22 16.12 -14.76
C THR B 199 -30.81 17.05 -13.63
N ALA B 200 -30.28 16.47 -12.58
CA ALA B 200 -29.93 17.22 -11.38
C ALA B 200 -28.82 18.23 -11.67
N LEU B 201 -27.78 17.79 -12.39
CA LEU B 201 -26.67 18.68 -12.70
C LEU B 201 -27.07 19.73 -13.73
N GLY B 202 -27.98 19.37 -14.64
CA GLY B 202 -28.55 20.35 -15.59
C GLY B 202 -29.33 21.44 -14.87
N ALA B 203 -30.11 21.04 -13.87
CA ALA B 203 -30.81 22.00 -13.03
C ALA B 203 -29.87 22.96 -12.32
N LEU B 204 -28.81 22.40 -11.77
CA LEU B 204 -27.79 23.19 -11.12
C LEU B 204 -27.18 24.20 -12.09
N ALA B 205 -26.82 23.68 -13.26
CA ALA B 205 -26.18 24.46 -14.31
C ALA B 205 -27.09 25.62 -14.74
N GLU B 206 -28.36 25.28 -14.91
CA GLU B 206 -29.37 26.30 -15.20
C GLU B 206 -29.45 27.36 -14.11
N ARG B 207 -29.43 26.94 -12.85
CA ARG B 207 -29.56 27.89 -11.73
C ARG B 207 -28.42 28.89 -11.63
N VAL B 208 -27.23 28.50 -12.08
CA VAL B 208 -26.08 29.39 -11.97
C VAL B 208 -25.68 30.07 -13.29
N GLU B 209 -26.46 29.86 -14.34
CA GLU B 209 -26.17 30.45 -15.63
C GLU B 209 -26.11 31.96 -15.46
N GLY B 210 -25.17 32.61 -16.13
CA GLY B 210 -25.02 34.06 -16.02
C GLY B 210 -24.28 34.59 -14.80
N LYS B 211 -23.89 33.73 -13.86
CA LYS B 211 -23.15 34.23 -12.68
C LYS B 211 -21.63 34.24 -12.95
N PRO B 212 -21.03 35.42 -13.05
CA PRO B 212 -19.64 35.46 -13.49
C PRO B 212 -18.63 34.59 -12.74
N GLY B 213 -18.57 34.66 -11.42
CA GLY B 213 -17.43 34.00 -10.74
C GLY B 213 -17.62 32.52 -10.47
N VAL B 214 -18.59 31.89 -11.15
CA VAL B 214 -18.77 30.44 -11.08
C VAL B 214 -17.76 29.81 -12.04
N MET B 215 -16.77 29.11 -11.51
CA MET B 215 -15.71 28.60 -12.35
C MET B 215 -16.04 27.28 -13.07
N GLY B 216 -17.06 26.58 -12.61
CA GLY B 216 -17.52 25.37 -13.28
C GLY B 216 -18.24 24.40 -12.36
N ILE B 217 -18.61 23.26 -12.92
CA ILE B 217 -19.16 22.11 -12.19
C ILE B 217 -18.24 20.92 -12.32
N GLU B 218 -17.87 20.36 -11.18
CA GLU B 218 -17.05 19.18 -11.12
C GLU B 218 -17.99 17.99 -11.07
N LEU B 219 -17.96 17.17 -12.10
CA LEU B 219 -19.08 16.24 -12.34
C LEU B 219 -19.27 15.15 -11.30
N LEU B 220 -18.19 14.65 -10.73
CA LEU B 220 -18.28 13.62 -9.69
C LEU B 220 -17.01 13.54 -8.89
N ASN B 221 -17.11 13.67 -7.58
CA ASN B 221 -15.99 13.41 -6.69
C ASN B 221 -15.62 11.93 -6.62
N GLU B 222 -14.33 11.65 -6.76
CA GLU B 222 -13.73 10.32 -6.53
C GLU B 222 -14.51 9.13 -7.09
N PRO B 223 -14.64 9.11 -8.41
CA PRO B 223 -15.43 8.04 -9.04
C PRO B 223 -14.75 6.66 -8.93
N TRP B 224 -15.44 5.70 -8.33
CA TRP B 224 -14.92 4.35 -8.16
C TRP B 224 -15.38 3.40 -9.30
N PRO B 225 -14.46 2.58 -9.88
CA PRO B 225 -14.88 1.73 -11.01
C PRO B 225 -15.75 0.52 -10.68
N GLY B 226 -16.05 0.32 -9.39
CA GLY B 226 -16.92 -0.80 -9.00
C GLY B 226 -16.22 -2.10 -9.32
N SER B 227 -16.99 -3.07 -9.84
CA SER B 227 -16.46 -4.40 -10.22
C SER B 227 -15.36 -4.40 -11.27
N ARG B 228 -15.14 -3.26 -11.93
CA ARG B 228 -14.03 -3.14 -12.87
C ARG B 228 -12.70 -2.75 -12.23
N PHE B 229 -12.68 -2.51 -10.92
CA PHE B 229 -11.55 -1.78 -10.33
C PHE B 229 -10.25 -2.55 -10.43
N LEU B 230 -10.28 -3.88 -10.32
CA LEU B 230 -9.02 -4.65 -10.41
C LEU B 230 -8.37 -4.54 -11.79
N SER B 231 -9.14 -4.15 -12.79
CA SER B 231 -8.58 -3.96 -14.13
C SER B 231 -7.65 -2.72 -14.18
N CYS B 232 -7.69 -1.90 -13.14
CA CYS B 232 -6.91 -0.65 -13.13
C CYS B 232 -5.48 -0.82 -12.62
N PHE B 233 -5.18 -2.02 -12.13
CA PHE B 233 -3.87 -2.34 -11.57
C PHE B 233 -3.25 -3.46 -12.41
N PRO B 234 -1.94 -3.43 -12.66
CA PRO B 234 -0.99 -2.58 -12.03
C PRO B 234 -0.69 -1.30 -12.78
N ASN B 235 -1.38 -1.04 -13.90
CA ASN B 235 -1.00 0.12 -14.68
C ASN B 235 -2.14 0.88 -15.32
N GLY B 236 -3.25 1.10 -14.60
CA GLY B 236 -4.40 1.84 -15.13
C GLY B 236 -5.34 0.99 -15.96
N CYS B 237 -6.55 1.49 -16.17
CA CYS B 237 -7.63 0.72 -16.83
C CYS B 237 -8.13 1.46 -18.05
N PRO B 238 -7.43 1.29 -19.17
CA PRO B 238 -7.88 1.97 -20.37
C PRO B 238 -9.33 1.63 -20.74
N ASP B 239 -9.74 0.37 -20.59
CA ASP B 239 -11.11 0.03 -20.99
C ASP B 239 -12.19 0.67 -20.07
N PHE B 240 -12.01 0.60 -18.76
CA PHE B 240 -12.95 1.31 -17.87
C PHE B 240 -12.93 2.82 -18.12
N ASP B 241 -11.74 3.38 -18.36
CA ASP B 241 -11.68 4.82 -18.59
C ASP B 241 -12.41 5.25 -19.85
N ARG B 242 -12.53 4.36 -20.80
CA ARG B 242 -13.37 4.61 -21.98
C ARG B 242 -14.84 4.81 -21.56
N THR B 243 -15.33 3.88 -20.75
CA THR B 243 -16.69 3.91 -20.15
C THR B 243 -16.89 5.17 -19.31
N TYR B 244 -15.93 5.43 -18.44
CA TYR B 244 -16.00 6.58 -17.56
C TYR B 244 -15.98 7.89 -18.36
N GLN B 245 -15.11 7.97 -19.35
CA GLN B 245 -15.02 9.17 -20.18
C GLN B 245 -16.34 9.43 -20.92
N ALA B 246 -16.96 8.38 -21.44
CA ALA B 246 -18.27 8.53 -22.08
C ALA B 246 -19.37 9.01 -21.10
N ALA B 247 -19.30 8.54 -19.85
CA ALA B 247 -20.28 8.92 -18.83
C ALA B 247 -20.13 10.41 -18.49
N MET B 248 -18.87 10.85 -18.37
CA MET B 248 -18.63 12.25 -18.08
C MET B 248 -19.03 13.14 -19.24
N GLN B 249 -18.80 12.68 -20.47
CA GLN B 249 -19.24 13.43 -21.65
C GLN B 249 -20.75 13.55 -21.68
N LYS B 250 -21.44 12.47 -21.35
CA LYS B 250 -22.91 12.51 -21.30
C LYS B 250 -23.42 13.52 -20.27
N LEU B 251 -22.81 13.53 -19.09
CA LEU B 251 -23.15 14.52 -18.07
C LEU B 251 -22.79 15.94 -18.52
N THR B 252 -21.67 16.06 -19.23
CA THR B 252 -21.29 17.34 -19.78
C THR B 252 -22.36 17.88 -20.75
N ASP B 253 -22.83 17.00 -21.64
CA ASP B 253 -23.93 17.31 -22.56
C ASP B 253 -25.22 17.76 -21.82
N ALA B 254 -25.58 17.07 -20.75
CA ALA B 254 -26.72 17.49 -19.95
C ALA B 254 -26.56 18.87 -19.30
N VAL B 255 -25.35 19.15 -18.80
CA VAL B 255 -25.03 20.44 -18.21
C VAL B 255 -25.13 21.56 -19.29
N ARG B 256 -24.48 21.31 -20.42
CA ARG B 256 -24.36 22.29 -21.51
C ARG B 256 -25.70 22.56 -22.28
N ALA B 257 -26.64 21.63 -22.21
CA ALA B 257 -27.97 21.82 -22.78
C ALA B 257 -28.67 23.03 -22.14
N GLN B 258 -28.42 23.26 -20.85
CA GLN B 258 -29.00 24.36 -20.10
C GLN B 258 -28.09 25.54 -19.84
N ASN B 259 -26.77 25.35 -19.93
CA ASN B 259 -25.79 26.42 -19.66
C ASN B 259 -24.64 26.14 -20.62
N PRO B 260 -24.69 26.79 -21.81
CA PRO B 260 -23.85 26.27 -22.88
C PRO B 260 -22.37 26.56 -22.74
N THR B 261 -21.99 27.51 -21.89
CA THR B 261 -20.58 27.88 -21.76
C THR B 261 -19.90 27.46 -20.44
N ILE B 262 -20.64 26.93 -19.49
CA ILE B 262 -20.02 26.62 -18.19
C ILE B 262 -18.92 25.56 -18.29
N PRO B 263 -17.75 25.84 -17.69
CA PRO B 263 -16.69 24.85 -17.66
C PRO B 263 -17.10 23.63 -16.84
N VAL B 264 -16.60 22.47 -17.26
CA VAL B 264 -16.78 21.22 -16.52
C VAL B 264 -15.41 20.69 -16.10
N TYR B 265 -15.40 20.17 -14.88
CA TYR B 265 -14.21 19.65 -14.26
C TYR B 265 -14.37 18.14 -14.18
N TRP B 266 -13.39 17.40 -14.72
CA TRP B 266 -13.44 15.95 -14.77
C TRP B 266 -12.31 15.38 -13.94
N GLU B 267 -12.66 14.56 -12.96
CA GLU B 267 -11.66 13.87 -12.17
C GLU B 267 -11.14 12.63 -12.90
N PRO B 268 -9.91 12.21 -12.63
CA PRO B 268 -9.54 10.83 -12.98
C PRO B 268 -10.33 9.84 -12.14
N ASN B 269 -10.49 8.61 -12.61
CA ASN B 269 -11.11 7.61 -11.73
C ASN B 269 -10.18 7.44 -10.51
N VAL B 270 -10.77 7.15 -9.36
CA VAL B 270 -10.05 7.33 -8.10
C VAL B 270 -9.02 6.26 -7.78
N THR B 271 -8.85 5.26 -8.65
CA THR B 271 -7.65 4.42 -8.56
C THR B 271 -6.38 5.25 -8.76
N TRP B 272 -6.54 6.45 -9.30
CA TRP B 272 -5.52 7.50 -9.29
C TRP B 272 -4.86 7.67 -7.90
N ASN B 273 -5.68 7.64 -6.86
CA ASN B 273 -5.21 7.82 -5.49
C ASN B 273 -4.43 6.62 -4.99
N GLN B 274 -4.50 5.49 -5.68
CA GLN B 274 -3.64 4.33 -5.41
C GLN B 274 -2.53 4.24 -6.45
N MET B 275 -2.16 5.40 -7.01
CA MET B 275 -0.98 5.57 -7.88
C MET B 275 -1.15 5.09 -9.31
N MET B 276 -2.38 4.75 -9.72
CA MET B 276 -2.57 4.31 -11.08
C MET B 276 -2.73 5.51 -11.98
N PRO B 277 -2.19 5.42 -13.20
CA PRO B 277 -2.33 6.55 -14.12
C PRO B 277 -3.73 6.64 -14.69
N SER B 278 -4.06 7.83 -15.18
CA SER B 278 -5.34 8.04 -15.85
C SER B 278 -5.20 7.75 -17.34
N ASN B 279 -6.23 7.15 -17.92
CA ASN B 279 -6.33 6.97 -19.35
C ASN B 279 -7.38 7.85 -19.99
N LEU B 280 -7.73 8.97 -19.35
CA LEU B 280 -8.57 9.93 -20.02
C LEU B 280 -7.81 10.55 -21.19
N PHE B 281 -8.52 10.77 -22.29
CA PHE B 281 -8.03 11.45 -23.51
C PHE B 281 -6.71 10.85 -23.97
N ALA B 282 -6.67 9.53 -24.18
CA ALA B 282 -5.41 8.80 -24.39
C ALA B 282 -5.48 7.92 -25.64
N PRO B 283 -5.57 8.55 -26.82
CA PRO B 283 -5.52 7.69 -28.01
C PRO B 283 -4.24 6.83 -28.00
N PRO B 284 -4.32 5.59 -28.52
CA PRO B 284 -5.47 4.96 -29.14
C PRO B 284 -6.46 4.20 -28.17
N VAL B 285 -6.24 4.25 -26.86
CA VAL B 285 -7.07 3.45 -25.93
C VAL B 285 -8.37 4.13 -25.49
N THR B 286 -8.42 5.46 -25.62
CA THR B 286 -9.63 6.26 -25.40
C THR B 286 -9.57 7.44 -26.38
N PRO B 287 -10.74 8.03 -26.74
CA PRO B 287 -10.76 9.09 -27.76
C PRO B 287 -10.05 10.35 -27.29
N ALA B 288 -9.53 11.13 -28.24
CA ALA B 288 -9.01 12.46 -27.91
C ALA B 288 -10.15 13.35 -27.48
N LEU B 289 -9.82 14.36 -26.70
CA LEU B 289 -10.81 15.30 -26.25
C LEU B 289 -11.34 16.16 -27.39
N THR B 290 -12.66 16.28 -27.49
CA THR B 290 -13.25 17.16 -28.51
C THR B 290 -14.25 18.12 -27.92
N THR B 291 -14.21 18.31 -26.61
CA THR B 291 -15.15 19.19 -25.93
C THR B 291 -14.39 20.37 -25.34
N ALA B 292 -14.95 21.57 -25.44
CA ALA B 292 -14.26 22.78 -24.99
C ALA B 292 -14.41 22.97 -23.47
N ASP B 293 -13.48 23.70 -22.87
CA ASP B 293 -13.57 24.09 -21.45
C ASP B 293 -13.83 22.93 -20.50
N VAL B 294 -12.93 21.97 -20.61
CA VAL B 294 -12.88 20.85 -19.71
C VAL B 294 -11.55 20.98 -18.93
N VAL B 295 -11.61 20.87 -17.61
CA VAL B 295 -10.45 21.05 -16.77
C VAL B 295 -10.24 19.75 -16.03
N PHE B 296 -9.00 19.28 -16.00
CA PHE B 296 -8.64 18.07 -15.25
C PHE B 296 -8.59 18.36 -13.75
N ALA B 297 -9.17 17.46 -12.96
CA ALA B 297 -9.43 17.70 -11.54
C ALA B 297 -8.95 16.52 -10.64
N PRO B 298 -7.63 16.27 -10.62
CA PRO B 298 -7.07 15.24 -9.75
C PRO B 298 -6.92 15.67 -8.29
N HIS B 299 -6.84 14.66 -7.44
CA HIS B 299 -6.51 14.80 -6.04
C HIS B 299 -5.07 14.37 -5.79
N ASP B 300 -4.50 14.88 -4.71
CA ASP B 300 -3.11 14.60 -4.38
C ASP B 300 -3.08 14.26 -2.91
N TYR B 301 -3.09 12.96 -2.62
CA TYR B 301 -3.03 12.46 -1.25
C TYR B 301 -1.91 11.46 -1.08
N CYS B 302 -1.46 11.35 0.17
CA CYS B 302 -0.42 10.43 0.57
C CYS B 302 -0.97 9.21 1.37
N ILE B 303 -0.82 7.99 0.86
CA ILE B 303 -1.46 6.85 1.49
C ILE B 303 -1.06 6.68 2.96
N PRO B 304 0.23 6.59 3.24
CA PRO B 304 0.63 6.65 4.68
C PRO B 304 -0.07 7.74 5.55
N SER B 305 -0.01 8.99 5.11
CA SER B 305 -0.62 10.08 5.89
C SER B 305 -2.13 9.86 6.20
N GLN B 306 -2.90 9.45 5.17
CA GLN B 306 -4.34 9.15 5.29
C GLN B 306 -4.66 7.90 6.13
N LEU B 320 8.26 7.82 3.32
CA LEU B 320 7.31 8.91 3.50
C LEU B 320 6.53 9.20 2.20
N CYS B 321 6.14 10.43 2.03
CA CYS B 321 5.11 10.74 1.04
C CYS B 321 5.64 11.12 -0.33
N VAL B 322 6.86 11.65 -0.38
CA VAL B 322 7.49 12.11 -1.62
C VAL B 322 7.44 11.13 -2.81
N PRO B 323 7.71 9.84 -2.59
CA PRO B 323 7.72 8.99 -3.80
C PRO B 323 6.31 8.81 -4.42
N GLN B 324 5.29 8.78 -3.60
CA GLN B 324 3.95 8.74 -4.13
C GLN B 324 3.61 10.07 -4.82
N GLN B 325 3.86 11.18 -4.13
CA GLN B 325 3.50 12.48 -4.67
C GLN B 325 4.19 12.77 -5.99
N ASP B 326 5.46 12.39 -6.11
CA ASP B 326 6.17 12.65 -7.36
C ASP B 326 5.55 11.84 -8.51
N LEU B 327 5.13 10.62 -8.22
CA LEU B 327 4.43 9.82 -9.22
C LEU B 327 3.08 10.43 -9.61
N THR B 328 2.30 10.88 -8.62
CA THR B 328 1.06 11.58 -8.92
C THR B 328 1.31 12.74 -9.91
N TRP B 329 2.32 13.56 -9.62
CA TRP B 329 2.62 14.74 -10.48
C TRP B 329 3.15 14.33 -11.86
N SER B 330 3.89 13.23 -11.93
CA SER B 330 4.22 12.62 -13.20
C SER B 330 2.95 12.25 -13.99
N ASN B 331 2.00 11.63 -13.31
CA ASN B 331 0.72 11.27 -13.92
C ASN B 331 -0.05 12.49 -14.43
N ILE B 332 0.02 13.60 -13.70
CA ILE B 332 -0.54 14.88 -14.18
C ILE B 332 0.17 15.40 -15.42
N ASP B 333 1.50 15.40 -15.40
CA ASP B 333 2.24 15.79 -16.60
C ASP B 333 1.83 15.00 -17.86
N ALA B 334 1.58 13.71 -17.72
CA ALA B 334 1.19 12.87 -18.86
C ALA B 334 -0.08 13.42 -19.48
N ILE B 335 -1.08 13.69 -18.64
CA ILE B 335 -2.30 14.35 -19.10
C ILE B 335 -2.10 15.73 -19.71
N THR B 336 -1.36 16.59 -19.05
CA THR B 336 -1.08 17.91 -19.56
C THR B 336 -0.49 17.82 -20.96
N GLU B 337 0.54 16.98 -21.13
CA GLU B 337 1.30 16.89 -22.38
C GLU B 337 0.43 16.38 -23.51
N ARG B 338 -0.45 15.41 -23.23
CA ARG B 338 -1.23 14.85 -24.31
C ARG B 338 -2.50 15.58 -24.61
N ALA B 339 -3.16 16.15 -23.61
CA ALA B 339 -4.47 16.74 -23.80
C ALA B 339 -4.46 18.26 -23.88
N ASN B 340 -3.42 18.90 -23.36
CA ASN B 340 -3.29 20.36 -23.35
C ASN B 340 -4.50 21.07 -22.72
N VAL B 341 -4.98 20.53 -21.60
CA VAL B 341 -6.06 21.16 -20.84
C VAL B 341 -5.51 21.66 -19.49
N PRO B 342 -6.24 22.61 -18.86
CA PRO B 342 -5.79 23.04 -17.54
C PRO B 342 -6.04 21.96 -16.50
N THR B 343 -5.34 22.10 -15.37
CA THR B 343 -5.53 21.23 -14.20
C THR B 343 -5.71 22.11 -12.96
N VAL B 344 -6.61 21.70 -12.07
CA VAL B 344 -6.66 22.22 -10.71
C VAL B 344 -6.62 21.03 -9.76
N ILE B 345 -5.76 21.09 -8.74
CA ILE B 345 -5.79 20.09 -7.69
C ILE B 345 -6.98 20.38 -6.77
N THR B 346 -8.10 19.69 -6.98
CA THR B 346 -9.32 20.05 -6.29
C THR B 346 -9.42 19.52 -4.85
N SER B 347 -8.51 18.64 -4.44
CA SER B 347 -8.44 18.21 -3.05
C SER B 347 -7.04 17.65 -2.73
N PHE B 348 -6.48 18.12 -1.62
CA PHE B 348 -5.24 17.64 -1.03
C PHE B 348 -5.14 18.05 0.44
N GLY B 349 -4.23 17.45 1.19
CA GLY B 349 -3.89 17.97 2.49
C GLY B 349 -4.46 17.28 3.71
N ASP B 350 -5.70 17.62 4.02
CA ASP B 350 -6.46 17.02 5.12
C ASP B 350 -5.81 17.15 6.50
N GLY B 351 -5.26 18.31 6.80
CA GLY B 351 -4.81 18.56 8.17
C GLY B 351 -3.35 18.28 8.45
N ASP B 352 -2.64 17.60 7.55
CA ASP B 352 -1.29 17.16 7.90
C ASP B 352 -0.19 18.09 7.28
N PRO B 353 0.55 18.88 8.12
CA PRO B 353 1.41 19.96 7.56
C PRO B 353 2.65 19.46 6.85
N THR B 354 2.98 18.20 7.11
CA THR B 354 4.25 17.61 6.78
C THR B 354 4.30 17.37 5.26
N VAL B 355 3.17 16.88 4.74
CA VAL B 355 3.05 16.49 3.35
C VAL B 355 2.80 17.68 2.41
N LEU B 356 2.45 18.83 2.93
CA LEU B 356 1.91 19.87 2.06
C LEU B 356 2.97 20.43 1.15
N LYS B 357 4.18 20.56 1.67
CA LYS B 357 5.22 21.27 0.95
C LYS B 357 5.52 20.70 -0.44
N ASN B 358 5.62 19.38 -0.54
CA ASN B 358 6.01 18.84 -1.83
C ASN B 358 4.88 19.03 -2.84
N THR B 359 3.61 18.88 -2.43
CA THR B 359 2.49 19.25 -3.26
C THR B 359 2.53 20.74 -3.78
N LEU B 360 2.66 21.68 -2.87
CA LEU B 360 2.67 23.11 -3.20
C LEU B 360 3.83 23.44 -4.15
N ALA B 361 4.98 22.80 -3.94
CA ALA B 361 6.18 23.07 -4.75
C ALA B 361 5.99 22.55 -6.18
N ARG B 362 5.44 21.35 -6.32
CA ARG B 362 5.12 20.77 -7.63
C ARG B 362 4.05 21.57 -8.38
N ALA B 363 3.00 22.00 -7.67
CA ALA B 363 2.02 22.91 -8.25
C ALA B 363 2.68 24.20 -8.76
N ASP B 364 3.50 24.85 -7.94
CA ASP B 364 4.13 26.10 -8.36
C ASP B 364 5.01 25.90 -9.62
N GLU B 365 5.72 24.77 -9.68
CA GLU B 365 6.59 24.45 -10.84
C GLU B 365 5.81 24.45 -12.11
N ARG B 366 4.54 24.05 -12.03
CA ARG B 366 3.70 23.92 -13.21
C ARG B 366 2.69 25.05 -13.37
N PHE B 367 2.71 26.02 -12.47
CA PHE B 367 1.71 27.06 -12.43
C PHE B 367 0.28 26.50 -12.42
N ILE B 368 0.06 25.56 -11.50
CA ILE B 368 -1.22 24.88 -11.29
C ILE B 368 -1.78 25.31 -9.92
N GLY B 369 -3.08 25.59 -9.91
CA GLY B 369 -3.80 26.00 -8.72
C GLY B 369 -4.38 24.81 -7.97
N TRP B 370 -5.04 25.10 -6.85
CA TRP B 370 -5.43 24.06 -5.93
C TRP B 370 -6.47 24.50 -4.90
N GLN B 371 -7.12 23.51 -4.30
CA GLN B 371 -8.14 23.70 -3.29
C GLN B 371 -7.87 22.74 -2.16
N TYR B 372 -7.50 23.31 -1.01
CA TYR B 372 -7.11 22.54 0.17
C TYR B 372 -8.31 21.92 0.90
N TRP B 373 -8.12 20.72 1.44
CA TRP B 373 -9.16 20.09 2.25
C TRP B 373 -8.79 20.28 3.74
N HIS B 374 -9.57 21.01 4.55
CA HIS B 374 -10.95 21.46 4.33
C HIS B 374 -11.11 22.72 5.20
N PHE B 375 -12.03 23.60 4.81
CA PHE B 375 -12.32 24.84 5.57
C PHE B 375 -13.80 24.84 5.94
N GLY B 376 -14.08 24.77 7.24
CA GLY B 376 -15.43 24.65 7.75
C GLY B 376 -16.01 26.01 7.98
N ALA B 377 -17.32 26.05 8.19
CA ALA B 377 -18.04 27.24 8.58
C ALA B 377 -17.91 27.47 10.08
N GLY B 378 -18.00 28.72 10.52
CA GLY B 378 -18.02 29.01 11.96
C GLY B 378 -16.69 28.97 12.68
N ASN B 379 -15.62 29.44 12.03
CA ASN B 379 -14.29 29.46 12.66
C ASN B 379 -14.22 30.40 13.84
N ALA B 380 -13.99 29.83 15.01
CA ALA B 380 -13.82 30.61 16.24
C ALA B 380 -12.48 31.31 16.27
N THR B 381 -11.48 30.70 15.65
CA THR B 381 -10.16 31.29 15.48
C THR B 381 -9.74 31.02 14.04
N ASP B 382 -8.77 31.78 13.57
CA ASP B 382 -8.28 31.67 12.21
C ASP B 382 -7.42 30.42 12.11
N PRO B 383 -7.86 29.40 11.33
CA PRO B 383 -7.11 28.15 11.28
C PRO B 383 -5.80 28.20 10.46
N PHE B 384 -5.44 29.34 9.89
CA PHE B 384 -4.25 29.48 9.06
C PHE B 384 -3.07 30.17 9.75
N LEU B 385 -3.12 30.24 11.08
CA LEU B 385 -2.10 30.97 11.81
C LEU B 385 -1.05 30.04 12.42
N GLY B 386 -1.12 28.75 12.10
CA GLY B 386 -0.09 27.81 12.51
C GLY B 386 0.70 27.22 11.34
N GLU B 387 1.15 25.99 11.52
CA GLU B 387 2.03 25.33 10.55
C GLU B 387 1.37 25.07 9.20
N VAL B 388 0.10 24.69 9.17
CA VAL B 388 -0.58 24.53 7.88
C VAL B 388 -0.62 25.89 7.13
N GLY B 389 -1.05 26.94 7.82
CA GLY B 389 -1.26 28.24 7.18
C GLY B 389 0.04 28.84 6.67
N ARG B 390 1.13 28.58 7.37
CA ARG B 390 2.43 29.06 6.98
C ARG B 390 2.79 28.61 5.57
N GLN B 391 2.26 27.46 5.18
CA GLN B 391 2.50 26.89 3.87
CA GLN B 391 2.51 26.89 3.86
C GLN B 391 1.43 27.29 2.87
N LEU B 392 0.17 27.32 3.29
CA LEU B 392 -0.93 27.61 2.36
C LEU B 392 -1.05 29.08 1.96
N VAL B 393 -0.62 29.95 2.87
CA VAL B 393 -0.76 31.38 2.70
C VAL B 393 0.52 31.84 2.06
N ARG B 394 0.39 32.33 0.83
CA ARG B 394 1.54 32.55 -0.03
C ARG B 394 1.41 33.86 -0.79
N THR B 395 2.57 34.40 -1.15
CA THR B 395 2.66 35.46 -2.14
C THR B 395 2.57 34.86 -3.53
N TYR B 396 1.59 35.27 -4.33
CA TYR B 396 1.38 34.62 -5.63
C TYR B 396 0.56 35.49 -6.58
N PRO B 397 0.74 35.28 -7.88
CA PRO B 397 0.07 36.10 -8.89
C PRO B 397 -1.33 35.57 -9.15
N GLN B 398 -2.32 36.23 -8.61
CA GLN B 398 -3.71 35.86 -8.86
C GLN B 398 -4.08 35.94 -10.35
N ALA B 399 -3.56 36.97 -11.03
CA ALA B 399 -3.96 37.29 -12.39
C ALA B 399 -2.79 37.97 -13.08
N THR B 400 -2.36 37.40 -14.20
CA THR B 400 -1.20 37.88 -14.91
C THR B 400 -1.58 38.37 -16.31
N ALA B 401 -1.23 39.62 -16.63
CA ALA B 401 -1.48 40.17 -17.95
C ALA B 401 -0.35 39.69 -18.86
N GLY B 402 -0.36 38.39 -19.15
CA GLY B 402 0.73 37.78 -19.87
C GLY B 402 0.82 36.30 -19.62
N GLU B 403 1.82 35.70 -20.25
CA GLU B 403 2.09 34.28 -20.18
C GLU B 403 2.96 34.02 -18.97
N PRO B 404 2.48 33.22 -18.02
CA PRO B 404 3.33 32.98 -16.87
C PRO B 404 4.63 32.32 -17.22
N GLY B 405 5.69 32.78 -16.57
CA GLY B 405 6.97 32.10 -16.61
C GLY B 405 7.16 31.43 -15.26
N ARG B 406 8.40 31.28 -14.84
CA ARG B 406 8.69 30.53 -13.61
C ARG B 406 8.45 31.38 -12.35
N MET B 407 8.11 30.69 -11.27
CA MET B 407 7.68 31.32 -10.04
C MET B 407 8.28 30.53 -8.88
N ILE B 408 8.75 31.25 -7.86
CA ILE B 408 9.22 30.65 -6.64
C ILE B 408 8.74 31.43 -5.41
N PHE B 409 8.27 30.70 -4.41
CA PHE B 409 7.92 31.26 -3.12
C PHE B 409 8.54 30.39 -2.06
N ASP B 410 9.26 31.03 -1.14
CA ASP B 410 9.85 30.39 0.03
C ASP B 410 8.90 30.62 1.19
N ALA B 411 8.22 29.56 1.64
CA ALA B 411 7.21 29.67 2.71
C ALA B 411 7.82 29.80 4.13
N ASP B 412 9.13 29.70 4.25
CA ASP B 412 9.84 29.95 5.51
C ASP B 412 10.12 31.45 5.66
N ASN B 413 10.60 32.11 4.61
CA ASN B 413 11.06 33.50 4.78
C ASN B 413 10.36 34.57 3.92
N GLY B 414 9.43 34.14 3.07
CA GLY B 414 8.70 35.04 2.18
C GLY B 414 9.35 35.43 0.87
N ASP B 415 10.54 34.93 0.58
CA ASP B 415 11.20 35.25 -0.68
C ASP B 415 10.30 34.82 -1.87
N PHE B 416 10.13 35.72 -2.83
CA PHE B 416 9.26 35.53 -3.96
C PHE B 416 9.89 36.16 -5.20
N ALA B 417 9.84 35.40 -6.29
CA ALA B 417 10.19 35.85 -7.61
C ALA B 417 9.30 35.23 -8.67
N TYR B 418 9.03 35.99 -9.72
CA TYR B 418 8.14 35.58 -10.79
C TYR B 418 8.47 36.35 -12.04
N ARG B 419 8.49 35.64 -13.16
CA ARG B 419 8.74 36.26 -14.48
C ARG B 419 7.60 35.89 -15.37
N PHE B 420 7.26 36.80 -16.27
CA PHE B 420 6.21 36.57 -17.23
C PHE B 420 6.44 37.42 -18.47
N THR B 421 5.79 37.00 -19.55
CA THR B 421 5.86 37.67 -20.85
C THR B 421 4.56 38.41 -21.11
N PRO B 422 4.62 39.75 -21.19
CA PRO B 422 3.42 40.54 -21.30
C PRO B 422 2.58 40.20 -22.51
N ARG B 423 1.27 40.33 -22.35
CA ARG B 423 0.35 40.28 -23.47
C ARG B 423 -0.73 41.33 -23.22
N ALA B 424 -1.44 41.69 -24.28
CA ALA B 424 -2.49 42.69 -24.19
C ALA B 424 -3.57 42.27 -23.17
N ALA B 425 -3.93 43.16 -22.26
CA ALA B 425 -5.03 42.86 -21.35
C ALA B 425 -5.64 44.14 -20.86
N THR B 426 -6.84 44.05 -20.30
CA THR B 426 -7.51 45.28 -19.86
C THR B 426 -7.40 45.62 -18.36
N ARG B 427 -6.63 44.82 -17.60
CA ARG B 427 -6.31 45.09 -16.20
C ARG B 427 -4.85 44.68 -16.01
N PRO B 428 -4.19 45.24 -15.00
CA PRO B 428 -2.82 44.90 -14.72
C PRO B 428 -2.66 43.55 -14.01
N THR B 429 -1.40 43.08 -13.96
CA THR B 429 -1.02 41.91 -13.18
C THR B 429 -1.25 42.22 -11.72
N GLU B 430 -1.88 41.28 -11.02
CA GLU B 430 -2.19 41.42 -9.62
C GLU B 430 -1.55 40.27 -8.80
N ILE B 431 -0.68 40.66 -7.87
CA ILE B 431 0.06 39.68 -7.05
C ILE B 431 -0.37 39.88 -5.61
N PHE B 432 -0.96 38.83 -5.02
CA PHE B 432 -1.29 38.86 -3.60
C PHE B 432 -0.04 38.64 -2.76
N VAL B 433 0.17 39.50 -1.78
CA VAL B 433 1.31 39.43 -0.85
C VAL B 433 0.87 38.84 0.48
N SER B 434 1.49 37.72 0.86
CA SER B 434 1.15 37.03 2.08
C SER B 434 1.09 38.01 3.24
N ASP B 435 0.04 37.84 4.03
CA ASP B 435 -0.13 38.67 5.22
C ASP B 435 0.57 38.08 6.43
N LEU B 436 1.24 36.94 6.26
CA LEU B 436 1.92 36.28 7.36
C LEU B 436 3.44 36.35 7.32
N HIS B 437 4.03 36.57 6.15
CA HIS B 437 5.47 36.27 6.01
C HIS B 437 6.35 37.52 6.14
N TYR B 438 5.73 38.70 6.27
CA TYR B 438 6.47 39.98 6.25
C TYR B 438 6.17 40.85 7.49
N PRO B 439 6.67 40.44 8.65
CA PRO B 439 6.41 41.11 9.91
C PRO B 439 6.87 42.56 9.92
N ASP B 440 7.93 42.88 9.18
CA ASP B 440 8.43 44.27 9.11
C ASP B 440 8.19 44.93 7.79
N GLY B 441 7.13 44.51 7.09
CA GLY B 441 6.83 45.00 5.76
C GLY B 441 7.60 44.24 4.67
N TYR B 442 7.33 44.59 3.41
CA TYR B 442 7.96 43.96 2.26
C TYR B 442 8.53 45.00 1.32
N ALA B 443 9.59 44.58 0.64
CA ALA B 443 10.19 45.29 -0.49
C ALA B 443 9.76 44.61 -1.77
N VAL B 444 9.58 45.42 -2.81
CA VAL B 444 9.25 44.94 -4.12
C VAL B 444 10.16 45.61 -5.10
N GLN B 445 10.62 44.87 -6.10
CA GLN B 445 11.26 45.46 -7.27
C GLN B 445 10.70 44.80 -8.49
N VAL B 446 10.75 45.51 -9.60
CA VAL B 446 10.28 45.01 -10.88
C VAL B 446 11.26 45.41 -11.95
N ASP B 447 11.63 44.43 -12.76
CA ASP B 447 12.43 44.66 -13.96
C ASP B 447 11.52 44.54 -15.19
N GLY B 448 11.59 45.52 -16.08
CA GLY B 448 10.78 45.50 -17.30
C GLY B 448 9.37 45.99 -17.05
N GLY B 449 9.13 46.60 -15.89
CA GLY B 449 7.83 47.13 -15.52
C GLY B 449 7.85 47.94 -14.25
N GLN B 450 6.69 48.36 -13.79
CA GLN B 450 6.64 49.13 -12.56
C GLN B 450 5.47 48.75 -11.70
N VAL B 451 5.65 49.00 -10.41
CA VAL B 451 4.60 48.83 -9.40
C VAL B 451 3.74 50.07 -9.33
N THR B 452 2.43 49.86 -9.32
CA THR B 452 1.48 50.96 -9.27
C THR B 452 0.67 50.98 -7.99
N SER B 453 0.82 49.97 -7.14
CA SER B 453 0.13 49.91 -5.85
C SER B 453 0.85 50.68 -4.76
N ALA B 454 0.17 50.89 -3.63
CA ALA B 454 0.74 51.59 -2.47
C ALA B 454 1.75 50.74 -1.71
N PRO B 455 2.72 51.39 -1.04
CA PRO B 455 3.53 50.62 -0.10
C PRO B 455 2.70 49.89 0.95
N GLY B 456 3.10 48.65 1.23
CA GLY B 456 2.37 47.80 2.17
C GLY B 456 1.03 47.25 1.69
N ALA B 457 0.65 47.49 0.44
CA ALA B 457 -0.67 47.01 -0.01
C ALA B 457 -0.75 45.49 -0.06
N ARG B 458 -1.95 44.94 0.13
CA ARG B 458 -2.11 43.49 0.06
C ARG B 458 -1.99 42.93 -1.36
N ILE B 459 -2.28 43.76 -2.36
CA ILE B 459 -2.12 43.38 -3.75
C ILE B 459 -1.10 44.33 -4.38
N VAL B 460 -0.06 43.75 -4.97
CA VAL B 460 0.88 44.49 -5.77
C VAL B 460 0.35 44.47 -7.20
N THR B 461 0.23 45.66 -7.80
CA THR B 461 -0.21 45.77 -9.18
C THR B 461 1.02 46.15 -10.03
N VAL B 462 1.18 45.45 -11.14
CA VAL B 462 2.33 45.64 -12.04
C VAL B 462 1.86 45.95 -13.48
N VAL B 463 2.43 47.00 -14.06
CA VAL B 463 2.23 47.39 -15.45
C VAL B 463 3.55 47.19 -16.20
N ALA B 464 3.50 46.41 -17.27
CA ALA B 464 4.64 46.15 -18.13
C ALA B 464 5.08 47.40 -18.91
N ASP B 465 6.39 47.48 -19.15
CA ASP B 465 6.99 48.60 -19.88
C ASP B 465 6.66 48.45 -21.33
N GLY B 466 6.69 47.21 -21.80
CA GLY B 466 6.49 46.90 -23.20
C GLY B 466 6.30 45.41 -23.41
N SER B 467 6.94 44.87 -24.43
CA SER B 467 6.76 43.47 -24.79
C SER B 467 7.80 42.52 -24.15
N GLY B 468 8.87 43.08 -23.58
CA GLY B 468 9.93 42.26 -22.97
C GLY B 468 9.46 41.62 -21.66
N PRO B 469 10.15 40.57 -21.20
CA PRO B 469 9.76 39.94 -19.93
C PRO B 469 9.80 40.86 -18.72
N VAL B 470 8.89 40.62 -17.80
CA VAL B 470 8.76 41.34 -16.56
C VAL B 470 9.14 40.41 -15.44
N THR B 471 10.03 40.87 -14.57
CA THR B 471 10.46 40.08 -13.41
C THR B 471 10.10 40.81 -12.15
N VAL B 472 9.40 40.13 -11.24
CA VAL B 472 8.96 40.72 -9.99
C VAL B 472 9.63 40.00 -8.84
N LYS B 473 10.16 40.77 -7.90
CA LYS B 473 10.70 40.21 -6.68
C LYS B 473 10.09 40.90 -5.47
N ILE B 474 9.62 40.09 -4.53
CA ILE B 474 9.08 40.53 -3.26
C ILE B 474 9.75 39.74 -2.14
N ASN B 475 10.15 40.43 -1.07
CA ASN B 475 10.87 39.82 0.02
C ASN B 475 10.91 40.73 1.24
N ARG B 476 11.32 40.17 2.36
CA ARG B 476 11.65 40.96 3.54
C ARG B 476 12.74 41.95 3.19
N PRO B 477 12.67 43.17 3.74
CA PRO B 477 13.68 44.20 3.42
C PRO B 477 15.12 43.75 3.67
N GLY B 478 15.37 42.95 4.69
CA GLY B 478 16.73 42.38 4.79
C GLY B 478 17.26 41.60 3.57
N SER B 479 16.39 40.84 2.93
CA SER B 479 16.79 39.62 2.20
C SER B 479 17.39 39.86 0.82
N ALA B 480 18.36 39.03 0.44
CA ALA B 480 18.83 39.02 -0.95
C ALA B 480 17.73 38.56 -1.92
N GLY B 481 16.68 37.93 -1.40
CA GLY B 481 15.52 37.58 -2.21
C GLY B 481 15.65 36.31 -3.03
N ALA B 482 14.59 36.02 -3.79
CA ALA B 482 14.54 34.88 -4.70
C ALA B 482 15.08 35.23 -6.06
N GLU B 483 15.46 34.19 -6.81
CA GLU B 483 15.84 34.32 -8.22
C GLU B 483 14.95 33.42 -9.05
N VAL B 484 14.70 33.81 -10.29
CA VAL B 484 13.75 33.07 -11.12
C VAL B 484 14.40 31.75 -11.59
N PRO B 485 13.75 30.60 -11.31
CA PRO B 485 14.31 29.32 -11.82
C PRO B 485 14.66 29.37 -13.31
C2 BGC C . 3.91 -16.32 -1.57
C3 BGC C . 4.83 -16.90 -2.62
C4 BGC C . 5.36 -15.75 -3.48
C5 BGC C . 6.31 -14.98 -2.55
C6 BGC C . 7.01 -13.80 -3.23
C1 BGC C . 4.46 -15.07 -0.86
O1 BGC C . 3.50 -14.02 -0.91
O2 BGC C . 3.59 -17.30 -0.60
O3 BGC C . 4.16 -17.93 -3.36
O4 BGC C . 6.12 -16.25 -4.56
O5 BGC C . 5.69 -14.53 -1.36
O6 BGC C . 6.08 -12.89 -3.78
C1 GAL C . 5.72 -15.79 -5.85
C2 GAL C . 6.86 -16.22 -6.77
C3 GAL C . 6.39 -15.96 -8.20
C4 GAL C . 5.00 -16.53 -8.48
C5 GAL C . 4.01 -16.00 -7.44
C6 GAL C . 2.60 -16.55 -7.67
O2 GAL C . 8.10 -15.56 -6.42
O3 GAL C . 7.17 -16.53 -9.03
O4 GAL C . 5.02 -17.95 -8.45
O5 GAL C . 4.47 -16.38 -6.17
O6 GAL C . 2.22 -16.25 -9.00
C1 SIA C . 8.26 -14.80 -10.17
C2 SIA C . 7.60 -16.14 -10.35
C3 SIA C . 6.43 -16.08 -11.31
C4 SIA C . 6.89 -15.59 -12.68
C5 SIA C . 8.26 -16.14 -13.13
C6 SIA C . 9.21 -16.68 -12.06
C7 SIA C . 10.17 -17.72 -12.61
C8 SIA C . 11.39 -17.04 -13.19
C9 SIA C . 11.14 -16.64 -14.63
C10 SIA C . 8.48 -14.50 -14.91
C11 SIA C . 7.77 -15.42 -15.86
N5 SIA C . 8.94 -15.04 -13.79
O1A SIA C . 8.19 -13.91 -11.02
O1B SIA C . 8.92 -14.66 -9.16
O4 SIA C . 5.93 -15.88 -13.70
O6 SIA C . 8.57 -17.09 -10.85
O7 SIA C . 10.63 -18.60 -11.59
O8 SIA C . 11.76 -15.90 -12.40
O9 SIA C . 12.37 -16.22 -15.22
O10 SIA C . 8.67 -13.34 -15.16
C2 BGC D . -12.44 12.59 -0.07
C3 BGC D . -13.03 13.47 1.02
C4 BGC D . -12.42 13.03 2.34
C5 BGC D . -10.90 13.21 2.30
C6 BGC D . -10.19 12.14 3.10
C1 BGC D . -10.91 12.55 -0.06
O1 BGC D . -10.50 11.20 0.07
O2 BGC D . -12.96 12.96 -1.34
O3 BGC D . -14.45 13.35 1.02
O4 BGC D . -12.94 13.81 3.41
O5 BGC D . -10.31 13.27 0.99
O6 BGC D . -9.23 12.86 3.85
C1 GAL D . -13.23 13.00 4.55
C2 GAL D . -13.65 14.00 5.63
C3 GAL D . -14.28 13.30 6.84
C4 GAL D . -15.35 12.32 6.37
C5 GAL D . -14.81 11.38 5.29
C6 GAL D . -15.90 10.47 4.71
O2 GAL D . -12.53 14.72 6.07
O3 GAL D . -14.82 14.28 7.72
O4 GAL D . -16.44 13.06 5.84
O5 GAL D . -14.30 12.11 4.22
O6 GAL D . -16.42 9.66 5.75
NA NA E . 6.77 -28.61 -12.54
O19 18C F . 0.12 -11.62 1.40
C19 18C F . 0.15 -12.39 0.52
N2 18C F . 1.37 -12.65 -0.25
C2 18C F . 2.63 -12.00 -0.04
C1 18C F . 3.70 -13.08 -0.02
C3 18C F . 2.89 -11.00 -1.18
C4 18C F . 1.61 -10.18 -1.50
C5 18C F . 1.58 -8.83 -1.46
C6 18C F . 0.25 -8.10 -1.79
C7 18C F . 0.28 -6.68 -1.10
C8 18C F . -0.81 -5.83 -1.79
C9 18C F . -1.90 -5.55 -0.76
C10 18C F . -1.28 -4.61 0.30
C11 18C F . -2.34 -3.54 0.63
C12 18C F . -1.78 -2.67 1.78
C13 18C F . -2.45 -3.13 3.09
C14 18C F . -2.24 -2.03 4.17
C15 18C F . -0.74 -1.80 4.29
C16 18C F . -0.34 -0.46 3.64
C17 18C F . -0.48 0.65 4.70
C18 18C F . 0.59 1.72 4.48
O3 18C F . 3.91 -10.12 -0.88
C20 18C F . -1.10 -13.23 0.08
C21 18C F . -2.39 -12.44 0.37
C22 18C F . -2.40 -11.19 -0.58
C23 18C F . -3.73 -10.37 -0.42
C24 18C F . -3.75 -9.11 -1.33
C25 18C F . -5.05 -8.31 -1.08
C26 18C F . -4.94 -7.46 0.22
C27 18C F . -6.23 -6.66 0.50
C28 18C F . -6.06 -5.72 1.73
C29 18C F . -7.19 -4.64 1.84
C30 18C F . -6.56 -3.27 2.24
C31 18C F . -6.37 -3.22 3.76
C32 18C F . -5.50 -2.02 4.19
C33 18C F . -5.13 -2.26 5.68
C34 18C F . -4.40 -1.04 6.27
C35 18C F . -5.03 -0.80 7.67
C36 18C F . -4.41 0.47 8.27
NA NA G . -25.77 19.75 6.69
O19 18C H . -8.82 7.55 -2.41
C19 18C H . -9.84 7.82 -1.92
N2 18C H . -9.97 8.82 -0.86
C2 18C H . -8.81 9.53 -0.39
C1 18C H . -9.17 11.00 -0.31
C3 18C H . -8.43 8.98 0.99
C4 18C H . -8.34 7.44 0.98
C5 18C H . -7.34 6.78 1.60
C6 18C H . -7.37 5.24 1.54
C7 18C H . -6.06 4.74 0.84
C8 18C H . -6.36 3.35 0.21
C9 18C H . -6.19 2.25 1.28
C10 18C H . -4.90 1.48 0.87
C11 18C H . -5.28 0.02 0.55
C12 18C H . -4.23 -0.68 -0.38
C13 18C H . -3.02 0.21 -0.83
C14 18C H . -2.13 0.59 0.38
C15 18C H . -0.63 0.46 0.01
C16 18C H . 0.21 1.34 0.93
C17 18C H . 1.72 1.09 0.73
C18 18C H . 2.33 2.14 -0.18
O3 18C H . -7.20 9.47 1.36
C20 18C H . -11.17 7.13 -2.34
C21 18C H . -10.89 5.72 -2.92
C22 18C H . -10.39 4.82 -1.74
C23 18C H . -10.49 3.32 -2.15
C24 18C H . -9.85 2.54 -0.98
C25 18C H . -9.70 1.06 -1.35
C26 18C H . -8.43 0.84 -2.19
C27 18C H . -8.49 -0.59 -2.77
C28 18C H . -7.21 -0.92 -3.59
C29 18C H . -7.04 -2.46 -3.70
C30 18C H . -6.09 -2.81 -4.87
C31 18C H . -4.76 -2.02 -4.75
C32 18C H . -3.95 -2.53 -3.55
C33 18C H . -2.50 -2.00 -3.70
C34 18C H . -2.52 -0.45 -3.66
C35 18C H . -1.09 0.13 -3.82
C36 18C H . -1.02 1.58 -3.35
#